data_1SHQ
#
_entry.id   1SHQ
#
_cell.length_a   171.007
_cell.length_b   171.007
_cell.length_c   84.098
_cell.angle_alpha   90.00
_cell.angle_beta   90.00
_cell.angle_gamma   90.00
#
_symmetry.space_group_name_H-M   'P 43 21 2'
#
loop_
_entity.id
_entity.type
_entity.pdbx_description
1 polymer 'alkaline phosphatase'
2 non-polymer 2-acetamido-2-deoxy-beta-D-glucopyranose
3 non-polymer 'ZINC ION'
4 non-polymer 'MAGNESIUM ION'
5 non-polymer 'SULFATE ION'
6 water water
#
_entity_poly.entity_id   1
_entity_poly.type   'polypeptide(L)'
_entity_poly.pdbx_seq_one_letter_code
;EEDKAYWNKDAQDALDKQLGIKLREKQAKNVIFFLGDGMSLSTVTAARIYKGGLTGKFEREKISWEEFDFAALSKTYNTD
KQVTDSAASATAYLTGVKTNQGVIGLDANTVRTNCSYQLDESLFTYSIAHWFQEAGRSTGVVTSTRVTHATPAGTYAHVA
DRDWENDSDVVHDREDPEICDDIAEQLVFREPGKNFKVIMGGGRRGFFPEEALDIEDGIPGEREDGKHLITDWLDDKASQ
GATASYVWNRDDLLAVDIRNTDYLMGLFSYTHLDTVLTRDAEMDPTLPEMTKVAIEMLTKDENGFFLLVEGGRIDHMHHA
NQIRQSLAETLDMEEAVSMALSMTDPEETIILVTADHGHTLTITGYADRNTDILDFAGISDLDDRRYTILDYGSGPGYHI
TEDGKRYEPTEEDLKDINFRYASAAPKHSVTHDGTDVGIWVNGPFAHLFTGVYEENYIPHALAYAACVGTGRTFCDEK
;
_entity_poly.pdbx_strand_id   A,B
#
loop_
_chem_comp.id
_chem_comp.type
_chem_comp.name
_chem_comp.formula
MG non-polymer 'MAGNESIUM ION' 'Mg 2'
NAG D-saccharide, beta linking 2-acetamido-2-deoxy-beta-D-glucopyranose 'C8 H15 N O6'
SO4 non-polymer 'SULFATE ION' 'O4 S -2'
ZN non-polymer 'ZINC ION' 'Zn 2'
#
# COMPACT_ATOMS: atom_id res chain seq x y z
N GLU A 1 -22.73 -13.23 15.06
CA GLU A 1 -21.51 -13.50 14.25
C GLU A 1 -21.39 -12.38 13.23
N GLU A 2 -20.34 -12.46 12.42
CA GLU A 2 -20.07 -11.48 11.38
C GLU A 2 -21.03 -11.64 10.20
N ASP A 3 -22.32 -11.41 10.45
CA ASP A 3 -23.39 -11.57 9.45
C ASP A 3 -23.75 -10.26 8.84
N LYS A 4 -24.82 -10.22 8.03
CA LYS A 4 -25.18 -9.06 7.26
C LYS A 4 -25.45 -7.86 8.16
N ALA A 5 -26.26 -8.04 9.19
CA ALA A 5 -26.52 -6.91 10.05
C ALA A 5 -25.20 -6.39 10.71
N TYR A 6 -24.33 -7.31 11.09
CA TYR A 6 -23.05 -6.96 11.71
C TYR A 6 -22.20 -6.01 10.83
N TRP A 7 -22.06 -6.34 9.54
CA TRP A 7 -21.20 -5.55 8.62
C TRP A 7 -21.87 -4.26 8.27
N ASN A 8 -23.22 -4.30 8.24
CA ASN A 8 -23.92 -3.10 7.88
C ASN A 8 -23.75 -2.07 9.01
N LYS A 9 -23.83 -2.53 10.24
CA LYS A 9 -23.69 -1.60 11.34
C LYS A 9 -22.23 -1.15 11.44
N ASP A 10 -21.33 -2.07 11.15
CA ASP A 10 -19.88 -1.74 11.04
C ASP A 10 -19.64 -0.64 10.01
N ALA A 11 -20.22 -0.73 8.82
CA ALA A 11 -20.07 0.32 7.79
C ALA A 11 -20.75 1.67 8.14
N GLN A 12 -22.04 1.62 8.55
CA GLN A 12 -22.79 2.83 8.86
C GLN A 12 -22.08 3.70 9.92
N ASP A 13 -21.52 3.05 10.95
CA ASP A 13 -20.70 3.65 11.99
C ASP A 13 -19.41 4.28 11.49
N ALA A 14 -18.72 3.57 10.59
CA ALA A 14 -17.51 4.18 10.04
C ALA A 14 -18.00 5.33 9.22
N LEU A 15 -19.19 5.23 8.64
CA LEU A 15 -19.69 6.32 7.83
C LEU A 15 -20.02 7.53 8.72
N ASP A 16 -20.64 7.24 9.83
CA ASP A 16 -21.00 8.31 10.79
C ASP A 16 -19.69 9.03 11.21
N LYS A 17 -18.67 8.24 11.54
CA LYS A 17 -17.41 8.79 12.00
C LYS A 17 -16.84 9.72 10.94
N GLN A 18 -16.95 9.29 9.69
CA GLN A 18 -16.36 10.04 8.61
C GLN A 18 -17.18 11.34 8.37
N LEU A 19 -18.49 11.27 8.53
CA LEU A 19 -19.30 12.47 8.31
C LEU A 19 -19.12 13.46 9.47
N GLY A 20 -18.65 12.97 10.61
CA GLY A 20 -18.38 13.80 11.78
C GLY A 20 -16.96 14.40 11.86
N ILE A 21 -16.15 14.18 10.84
CA ILE A 21 -14.83 14.80 10.81
C ILE A 21 -14.85 16.34 10.89
N LYS A 22 -14.11 16.88 11.85
CA LYS A 22 -13.97 18.33 11.94
C LYS A 22 -12.57 18.76 11.54
N LEU A 23 -12.45 19.56 10.49
CA LEU A 23 -11.13 20.03 10.04
C LEU A 23 -10.46 20.94 11.08
N ARG A 24 -9.14 20.81 11.15
CA ARG A 24 -8.36 21.59 12.10
C ARG A 24 -7.57 22.54 11.27
N GLU A 25 -8.08 23.75 11.16
CA GLU A 25 -7.45 24.79 10.34
C GLU A 25 -6.78 25.80 11.29
N LYS A 26 -5.98 25.29 12.22
CA LYS A 26 -5.27 26.11 13.18
C LYS A 26 -3.76 25.76 13.16
N GLN A 27 -2.92 26.69 13.54
CA GLN A 27 -1.48 26.46 13.51
C GLN A 27 -1.06 25.26 14.34
N ALA A 28 -0.05 24.53 13.89
CA ALA A 28 0.45 23.46 14.75
C ALA A 28 1.53 24.06 15.64
N LYS A 29 1.41 23.85 16.94
CA LYS A 29 2.44 24.20 17.90
C LYS A 29 3.54 23.12 17.88
N ASN A 30 3.09 21.86 17.98
CA ASN A 30 3.98 20.70 18.07
C ASN A 30 3.84 19.75 16.89
N VAL A 31 4.93 19.05 16.54
CA VAL A 31 4.91 18.06 15.51
C VAL A 31 5.75 16.88 16.00
N ILE A 32 5.15 15.71 15.99
CA ILE A 32 5.76 14.49 16.37
C ILE A 32 5.62 13.57 15.14
N PHE A 33 6.77 13.19 14.64
CA PHE A 33 6.92 12.49 13.39
C PHE A 33 7.43 11.13 13.73
N PHE A 34 6.62 10.13 13.51
CA PHE A 34 7.05 8.76 13.62
C PHE A 34 7.46 8.15 12.29
N LEU A 35 8.59 7.46 12.29
CA LEU A 35 9.17 6.89 11.12
C LEU A 35 9.46 5.42 11.37
N GLY A 36 8.63 4.54 10.74
CA GLY A 36 8.94 3.12 10.73
C GLY A 36 9.90 2.78 9.59
N ASP A 37 11.18 2.52 9.90
CA ASP A 37 12.14 2.25 8.87
C ASP A 37 11.86 0.93 8.18
N GLY A 38 11.50 0.97 6.93
CA GLY A 38 11.29 -0.23 6.18
C GLY A 38 9.86 -0.72 6.34
N MET A 39 9.02 0.11 6.93
CA MET A 39 7.68 -0.34 7.28
C MET A 39 6.71 -0.23 6.14
N SER A 40 6.74 -1.24 5.29
CA SER A 40 5.85 -1.34 4.11
C SER A 40 4.40 -1.47 4.55
N LEU A 41 3.49 -1.19 3.62
CA LEU A 41 2.07 -1.38 3.88
C LEU A 41 1.81 -2.81 4.26
N SER A 42 2.47 -3.76 3.61
CA SER A 42 2.36 -5.17 4.03
C SER A 42 2.85 -5.40 5.46
N THR A 43 3.91 -4.71 5.89
CA THR A 43 4.31 -4.76 7.29
C THR A 43 3.23 -4.28 8.19
N VAL A 44 2.53 -3.23 7.82
CA VAL A 44 1.48 -2.67 8.69
C VAL A 44 0.31 -3.70 8.82
N THR A 45 -0.11 -4.24 7.70
CA THR A 45 -1.19 -5.26 7.69
C THR A 45 -0.81 -6.49 8.52
N ALA A 46 0.37 -7.00 8.29
CA ALA A 46 0.85 -8.15 9.01
C ALA A 46 1.01 -7.83 10.49
N ALA A 47 1.49 -6.60 10.82
CA ALA A 47 1.63 -6.22 12.22
C ALA A 47 0.22 -6.10 12.88
N ARG A 48 -0.75 -5.56 12.15
CA ARG A 48 -2.11 -5.48 12.65
C ARG A 48 -2.59 -6.88 13.08
N ILE A 49 -2.38 -7.88 12.21
CA ILE A 49 -2.87 -9.23 12.46
C ILE A 49 -2.02 -9.85 13.58
N TYR A 50 -0.74 -9.52 13.62
CA TYR A 50 0.16 -9.98 14.71
C TYR A 50 -0.35 -9.45 16.05
N LYS A 51 -0.67 -8.16 16.11
CA LYS A 51 -1.25 -7.52 17.28
C LYS A 51 -2.57 -8.26 17.73
N GLY A 52 -3.46 -8.52 16.75
CA GLY A 52 -4.74 -9.20 16.94
C GLY A 52 -4.60 -10.57 17.58
N GLY A 53 -3.50 -11.23 17.27
CA GLY A 53 -3.14 -12.51 17.81
C GLY A 53 -2.87 -12.37 19.31
N LEU A 54 -2.27 -11.27 19.73
CA LEU A 54 -2.02 -11.01 21.15
C LEU A 54 -3.28 -10.63 21.87
N THR A 55 -4.13 -9.82 21.26
CA THR A 55 -5.31 -9.36 21.91
C THR A 55 -6.54 -10.20 21.78
N GLY A 56 -6.60 -11.10 20.80
CA GLY A 56 -7.77 -11.94 20.64
C GLY A 56 -8.75 -11.39 19.66
N LYS A 57 -8.44 -10.25 19.07
CA LYS A 57 -9.32 -9.68 18.06
C LYS A 57 -9.06 -10.14 16.66
N PHE A 58 -7.77 -10.44 16.43
CA PHE A 58 -7.22 -11.06 15.22
C PHE A 58 -7.26 -10.08 14.06
N GLU A 59 -7.82 -10.47 12.91
CA GLU A 59 -7.92 -9.56 11.73
C GLU A 59 -8.74 -8.33 11.98
N ARG A 60 -9.57 -8.30 13.04
CA ARG A 60 -10.38 -7.14 13.36
C ARG A 60 -9.61 -6.11 14.21
N GLU A 61 -8.42 -6.43 14.60
CA GLU A 61 -7.59 -5.52 15.40
C GLU A 61 -7.28 -4.29 14.58
N LYS A 62 -6.90 -3.22 15.24
CA LYS A 62 -6.63 -1.97 14.58
C LYS A 62 -5.26 -1.51 15.14
N ILE A 63 -4.49 -0.89 14.27
CA ILE A 63 -3.20 -0.32 14.62
C ILE A 63 -3.53 1.08 15.06
N SER A 64 -2.85 1.54 16.08
CA SER A 64 -3.25 2.79 16.70
C SER A 64 -3.38 3.92 15.73
N TRP A 65 -2.41 4.05 14.81
CA TRP A 65 -2.45 5.18 13.93
C TRP A 65 -3.50 5.01 12.80
N GLU A 66 -4.04 3.82 12.65
CA GLU A 66 -5.16 3.61 11.72
C GLU A 66 -6.47 4.21 12.24
N GLU A 67 -6.50 4.69 13.49
CA GLU A 67 -7.69 5.41 14.01
C GLU A 67 -7.69 6.85 13.52
N PHE A 68 -6.57 7.28 12.89
CA PHE A 68 -6.54 8.62 12.27
C PHE A 68 -7.45 8.71 11.05
N ASP A 69 -8.01 9.88 10.77
CA ASP A 69 -8.89 10.01 9.61
C ASP A 69 -8.21 10.24 8.30
N PHE A 70 -6.95 10.56 8.36
CA PHE A 70 -6.23 10.86 7.16
C PHE A 70 -5.03 9.93 6.92
N ALA A 71 -5.03 9.31 5.76
CA ALA A 71 -3.95 8.50 5.30
C ALA A 71 -3.59 8.95 3.89
N ALA A 72 -2.35 8.72 3.48
CA ALA A 72 -1.99 9.11 2.12
C ALA A 72 -0.92 8.14 1.66
N LEU A 73 -0.53 8.22 0.40
CA LEU A 73 0.52 7.38 -0.11
C LEU A 73 1.70 8.29 -0.45
N SER A 74 2.87 7.70 -0.35
CA SER A 74 4.13 8.41 -0.54
C SER A 74 5.07 7.68 -1.53
N LYS A 75 5.42 8.38 -2.61
CA LYS A 75 6.28 7.85 -3.62
C LYS A 75 7.75 8.00 -3.28
N THR A 76 8.52 6.95 -3.21
CA THR A 76 9.83 7.02 -2.52
C THR A 76 11.05 6.98 -3.38
N TYR A 77 10.87 6.81 -4.70
CA TYR A 77 12.02 6.81 -5.60
C TYR A 77 12.87 8.07 -5.33
N ASN A 78 14.16 7.95 -5.59
CA ASN A 78 15.05 9.10 -5.33
C ASN A 78 15.68 9.59 -6.62
N THR A 79 16.74 10.40 -6.51
CA THR A 79 17.33 10.94 -7.79
C THR A 79 18.11 10.11 -8.65
N ASP A 80 18.62 8.95 -8.13
CA ASP A 80 19.35 8.07 -8.96
C ASP A 80 18.86 6.68 -8.83
N LYS A 81 18.01 6.30 -7.86
CA LYS A 81 17.61 4.86 -7.77
C LYS A 81 16.08 4.75 -7.70
N GLN A 82 15.52 3.65 -8.20
CA GLN A 82 14.08 3.44 -8.15
C GLN A 82 13.69 3.09 -6.66
N VAL A 83 14.55 2.31 -6.00
CA VAL A 83 14.40 1.82 -4.59
C VAL A 83 15.41 2.55 -3.68
N THR A 84 14.92 3.48 -2.89
CA THR A 84 15.73 4.37 -2.13
C THR A 84 16.25 3.67 -0.95
N ASP A 85 17.40 4.12 -0.49
CA ASP A 85 17.93 3.68 0.80
C ASP A 85 17.35 4.58 1.89
N SER A 86 17.81 4.38 3.12
CA SER A 86 17.34 5.16 4.26
C SER A 86 17.86 6.62 4.31
N ALA A 87 19.04 6.86 3.76
CA ALA A 87 19.60 8.22 3.70
C ALA A 87 18.97 9.22 2.77
N ALA A 88 18.84 8.83 1.51
CA ALA A 88 18.16 9.74 0.57
C ALA A 88 16.74 9.95 0.99
N SER A 89 16.03 8.92 1.44
CA SER A 89 14.62 9.14 1.88
C SER A 89 14.51 10.09 3.06
N ALA A 90 15.43 9.96 4.06
CA ALA A 90 15.35 10.89 5.15
C ALA A 90 15.54 12.31 4.67
N THR A 91 16.47 12.46 3.75
CA THR A 91 16.66 13.81 3.21
C THR A 91 15.39 14.25 2.61
N ALA A 92 14.67 13.35 1.93
CA ALA A 92 13.37 13.82 1.37
C ALA A 92 12.32 14.20 2.42
N TYR A 93 11.95 13.28 3.33
CA TYR A 93 10.88 13.57 4.28
C TYR A 93 11.24 14.44 5.48
N LEU A 94 12.51 14.74 5.68
CA LEU A 94 12.86 15.69 6.75
C LEU A 94 13.32 17.07 6.19
N THR A 95 13.90 17.13 5.02
CA THR A 95 14.40 18.43 4.52
C THR A 95 13.71 18.89 3.22
N GLY A 96 12.92 18.03 2.58
CA GLY A 96 12.03 18.47 1.55
C GLY A 96 12.62 18.33 0.18
N VAL A 97 13.71 17.60 0.04
CA VAL A 97 14.37 17.51 -1.22
C VAL A 97 14.74 16.13 -1.40
N LYS A 98 14.54 15.58 -2.60
CA LYS A 98 15.03 14.26 -2.92
C LYS A 98 16.52 14.23 -3.29
N THR A 99 17.16 13.09 -3.18
CA THR A 99 18.56 13.10 -3.45
C THR A 99 19.04 11.81 -3.81
N ASN A 100 20.35 11.77 -3.98
CA ASN A 100 20.98 10.57 -4.38
C ASN A 100 21.23 9.53 -3.28
N GLN A 101 21.32 8.25 -3.69
CA GLN A 101 21.53 7.11 -2.81
C GLN A 101 22.76 7.36 -1.91
N GLY A 102 22.54 7.20 -0.61
CA GLY A 102 23.60 7.31 0.38
C GLY A 102 23.95 8.67 0.86
N VAL A 103 23.21 9.67 0.41
CA VAL A 103 23.55 11.01 0.72
C VAL A 103 22.55 11.59 1.72
N ILE A 104 23.02 12.36 2.70
CA ILE A 104 22.14 12.98 3.69
C ILE A 104 22.25 14.46 3.76
N GLY A 105 21.15 15.13 3.56
CA GLY A 105 21.13 16.55 3.77
C GLY A 105 21.81 17.44 2.76
N LEU A 106 22.15 16.86 1.62
CA LEU A 106 22.71 17.57 0.46
C LEU A 106 21.89 17.16 -0.77
N ASP A 107 21.87 18.01 -1.80
CA ASP A 107 21.07 17.74 -2.97
C ASP A 107 21.71 16.84 -4.00
N ALA A 108 20.99 16.58 -5.08
CA ALA A 108 21.41 15.57 -5.99
C ALA A 108 22.72 15.90 -6.81
N ASN A 109 23.22 17.12 -6.69
CA ASN A 109 24.55 17.39 -7.21
C ASN A 109 25.52 16.51 -6.56
N THR A 110 25.24 16.10 -5.33
CA THR A 110 26.27 15.33 -4.64
C THR A 110 26.73 14.06 -5.26
N VAL A 111 28.03 13.87 -5.25
CA VAL A 111 28.53 12.58 -5.64
C VAL A 111 28.84 11.77 -4.37
N ARG A 112 28.14 10.64 -4.19
CA ARG A 112 28.29 9.84 -2.98
C ARG A 112 29.73 9.39 -2.65
N THR A 113 30.14 9.65 -1.41
CA THR A 113 31.42 9.23 -0.91
C THR A 113 32.55 10.26 -1.14
N ASN A 114 32.21 11.32 -1.84
CA ASN A 114 33.13 12.39 -2.14
C ASN A 114 32.87 13.55 -1.16
N CYS A 115 33.68 13.59 -0.11
CA CYS A 115 33.55 14.61 0.94
C CYS A 115 33.51 15.99 0.44
N SER A 116 34.13 16.30 -0.70
CA SER A 116 34.09 17.72 -1.16
C SER A 116 32.70 18.25 -1.28
N TYR A 117 31.74 17.42 -1.68
CA TYR A 117 30.43 18.01 -1.81
C TYR A 117 29.78 18.42 -0.47
N GLN A 118 30.23 17.85 0.65
CA GLN A 118 29.62 18.25 1.90
C GLN A 118 30.24 19.52 2.48
N LEU A 119 31.24 20.05 1.77
CA LEU A 119 31.83 21.34 2.12
C LEU A 119 31.16 22.50 1.40
N ASP A 120 30.35 22.20 0.38
CA ASP A 120 29.62 23.26 -0.36
C ASP A 120 28.22 23.57 0.17
N GLU A 121 28.11 24.70 0.85
CA GLU A 121 26.88 25.14 1.52
C GLU A 121 25.73 25.33 0.60
N SER A 122 26.00 25.56 -0.69
CA SER A 122 24.88 25.86 -1.59
C SER A 122 24.09 24.58 -1.84
N LEU A 123 24.74 23.46 -1.69
CA LEU A 123 24.14 22.13 -1.83
C LEU A 123 23.39 21.63 -0.60
N PHE A 124 23.42 22.39 0.49
CA PHE A 124 22.76 22.00 1.75
C PHE A 124 21.23 22.02 1.70
N THR A 125 20.60 20.99 2.23
CA THR A 125 19.15 21.01 2.39
C THR A 125 18.99 21.12 3.89
N TYR A 126 17.99 21.84 4.36
CA TYR A 126 17.83 22.05 5.78
C TYR A 126 16.59 21.35 6.31
N SER A 127 16.71 20.78 7.51
CA SER A 127 15.66 19.96 8.09
C SER A 127 14.56 20.68 8.77
N ILE A 128 13.43 19.99 8.98
CA ILE A 128 12.36 20.57 9.71
C ILE A 128 12.76 20.90 11.15
N ALA A 129 13.72 20.16 11.69
CA ALA A 129 14.26 20.53 12.99
C ALA A 129 14.97 21.93 12.91
N HIS A 130 15.76 22.12 11.89
CA HIS A 130 16.41 23.44 11.62
C HIS A 130 15.37 24.52 11.59
N TRP A 131 14.29 24.29 10.85
CA TRP A 131 13.19 25.26 10.80
C TRP A 131 12.55 25.51 12.18
N PHE A 132 12.23 24.45 12.94
CA PHE A 132 11.72 24.69 14.25
C PHE A 132 12.65 25.61 15.15
N GLN A 133 13.95 25.33 15.10
CA GLN A 133 14.94 26.08 15.85
C GLN A 133 14.95 27.57 15.39
N GLU A 134 15.07 27.79 14.08
CA GLU A 134 15.00 29.15 13.52
C GLU A 134 13.78 29.90 14.04
N ALA A 135 12.73 29.17 14.37
CA ALA A 135 11.52 29.78 14.88
C ALA A 135 11.45 29.89 16.39
N GLY A 136 12.55 29.60 17.11
CA GLY A 136 12.52 29.66 18.56
C GLY A 136 11.81 28.53 19.29
N ARG A 137 11.81 27.33 18.69
CA ARG A 137 11.09 26.18 19.25
C ARG A 137 12.06 25.03 19.48
N SER A 138 11.68 24.12 20.37
CA SER A 138 12.55 23.02 20.75
C SER A 138 12.51 21.84 19.76
N THR A 139 13.58 21.07 19.75
CA THR A 139 13.65 19.92 18.88
C THR A 139 14.30 18.75 19.62
N GLY A 140 13.95 17.54 19.18
CA GLY A 140 14.50 16.31 19.74
C GLY A 140 14.37 15.12 18.75
N VAL A 141 15.05 14.03 19.10
CA VAL A 141 15.05 12.83 18.33
C VAL A 141 15.13 11.64 19.28
N VAL A 142 14.39 10.58 18.94
CA VAL A 142 14.40 9.32 19.66
C VAL A 142 14.45 8.19 18.66
N THR A 143 15.37 7.25 18.83
CA THR A 143 15.34 6.17 17.90
C THR A 143 15.82 4.87 18.53
N SER A 144 15.46 3.74 17.91
CA SER A 144 15.98 2.43 18.34
C SER A 144 17.29 2.12 17.65
N THR A 145 17.74 3.00 16.75
CA THR A 145 19.00 2.74 16.08
C THR A 145 20.07 3.60 16.76
N ARG A 146 21.27 3.58 16.19
CA ARG A 146 22.33 4.50 16.60
C ARG A 146 21.80 5.85 16.25
N VAL A 147 22.07 6.82 17.08
CA VAL A 147 21.60 8.18 16.87
C VAL A 147 22.25 8.87 15.71
N THR A 148 23.29 8.24 15.20
CA THR A 148 24.01 8.71 14.05
C THR A 148 23.56 8.00 12.78
N HIS A 149 22.59 7.11 12.89
CA HIS A 149 22.18 6.38 11.71
C HIS A 149 21.45 7.31 10.71
N ALA A 150 21.14 6.82 9.52
CA ALA A 150 20.60 7.72 8.48
C ALA A 150 19.37 8.49 8.85
N THR A 151 18.40 7.79 9.46
CA THR A 151 17.17 8.41 9.75
C THR A 151 17.26 9.56 10.75
N PRO A 152 17.77 9.31 11.96
CA PRO A 152 17.94 10.45 12.84
C PRO A 152 18.89 11.52 12.21
N ALA A 153 19.89 11.06 11.48
CA ALA A 153 20.86 11.95 10.90
C ALA A 153 20.24 12.95 9.98
N GLY A 154 19.13 12.53 9.36
CA GLY A 154 18.42 13.37 8.50
C GLY A 154 17.90 14.63 9.11
N THR A 155 17.72 14.69 10.43
CA THR A 155 17.28 15.89 11.03
C THR A 155 18.40 16.90 11.29
N TYR A 156 19.65 16.51 11.17
CA TYR A 156 20.72 17.45 11.46
C TYR A 156 21.99 17.41 10.62
N ALA A 157 22.31 16.31 9.94
CA ALA A 157 23.60 16.18 9.26
C ALA A 157 23.62 16.49 7.77
N HIS A 158 24.81 16.76 7.24
CA HIS A 158 25.07 17.03 5.81
C HIS A 158 26.33 16.25 5.52
N VAL A 159 26.18 15.05 4.99
CA VAL A 159 27.30 14.22 4.66
C VAL A 159 27.10 13.59 3.28
N ALA A 160 28.21 13.33 2.59
CA ALA A 160 28.21 12.73 1.26
C ALA A 160 28.15 11.25 1.32
N ASP A 161 28.23 10.68 2.51
CA ASP A 161 27.95 9.28 2.66
C ASP A 161 27.42 9.01 4.05
N ARG A 162 26.23 8.42 4.13
CA ARG A 162 25.65 8.06 5.39
C ARG A 162 26.50 7.10 6.24
N ASP A 163 27.42 6.35 5.62
CA ASP A 163 28.28 5.50 6.42
C ASP A 163 29.17 6.32 7.34
N TRP A 164 29.30 7.62 7.13
CA TRP A 164 30.30 8.35 7.88
C TRP A 164 29.73 8.77 9.27
N GLU A 165 29.31 7.76 10.06
CA GLU A 165 28.78 7.99 11.39
C GLU A 165 29.84 8.55 12.36
N ASN A 166 31.06 8.05 12.29
CA ASN A 166 32.13 8.57 13.15
C ASN A 166 33.42 8.65 12.28
N ASP A 167 34.49 9.20 12.83
CA ASP A 167 35.70 9.55 12.02
C ASP A 167 36.39 8.29 11.50
N SER A 168 36.29 7.18 12.21
CA SER A 168 36.84 5.96 11.73
C SER A 168 36.16 5.59 10.35
N ASP A 169 34.91 5.98 10.16
CA ASP A 169 34.24 5.60 8.92
C ASP A 169 34.73 6.47 7.78
N VAL A 170 35.01 7.72 8.08
CA VAL A 170 35.51 8.64 7.06
C VAL A 170 36.89 8.20 6.55
N VAL A 171 37.75 7.80 7.49
CA VAL A 171 39.09 7.34 7.21
C VAL A 171 39.07 6.06 6.41
N HIS A 172 38.08 5.20 6.70
CA HIS A 172 37.94 3.99 5.97
C HIS A 172 37.64 4.25 4.51
N ASP A 173 37.07 5.41 4.19
CA ASP A 173 36.82 5.77 2.80
C ASP A 173 37.89 6.70 2.21
N ARG A 174 39.06 6.77 2.86
CA ARG A 174 40.19 7.58 2.37
C ARG A 174 39.88 9.03 2.28
N GLU A 175 38.97 9.53 3.12
CA GLU A 175 38.68 10.96 3.12
C GLU A 175 39.39 11.56 4.35
N ASP A 176 39.48 12.89 4.36
CA ASP A 176 40.22 13.62 5.35
C ASP A 176 39.33 13.97 6.57
N PRO A 177 39.49 13.24 7.66
CA PRO A 177 38.66 13.43 8.84
C PRO A 177 38.80 14.77 9.47
N GLU A 178 39.83 15.50 9.07
CA GLU A 178 40.09 16.82 9.62
C GLU A 178 39.19 17.83 9.02
N ILE A 179 38.84 17.63 7.77
CA ILE A 179 37.91 18.55 7.18
C ILE A 179 36.57 17.84 6.85
N CYS A 180 36.51 16.52 6.92
CA CYS A 180 35.24 15.89 6.54
C CYS A 180 34.51 15.57 7.82
N ASP A 181 33.60 16.39 8.26
CA ASP A 181 32.95 16.17 9.59
C ASP A 181 32.03 14.93 9.60
N ASP A 182 32.27 14.00 10.51
CA ASP A 182 31.37 12.89 10.62
C ASP A 182 30.04 13.26 11.28
N ILE A 183 29.12 12.29 11.24
CA ILE A 183 27.78 12.62 11.73
C ILE A 183 27.80 12.91 13.25
N ALA A 184 28.52 12.10 14.02
CA ALA A 184 28.59 12.30 15.48
C ALA A 184 29.15 13.68 15.82
N GLU A 185 30.22 14.12 15.15
CA GLU A 185 30.68 15.51 15.31
C GLU A 185 29.62 16.46 14.99
N GLN A 186 28.93 16.29 13.87
CA GLN A 186 27.96 17.25 13.50
C GLN A 186 26.83 17.40 14.58
N LEU A 187 26.46 16.32 15.22
CA LEU A 187 25.40 16.37 16.20
C LEU A 187 25.77 17.21 17.38
N VAL A 188 27.01 17.16 17.76
CA VAL A 188 27.47 17.86 18.95
C VAL A 188 28.01 19.23 18.68
N PHE A 189 28.75 19.44 17.58
CA PHE A 189 29.36 20.79 17.29
C PHE A 189 28.66 21.74 16.30
N ARG A 190 27.73 21.25 15.47
CA ARG A 190 27.04 22.13 14.48
C ARG A 190 25.52 22.12 14.65
N GLU A 191 24.84 23.12 14.10
CA GLU A 191 23.39 23.20 14.16
C GLU A 191 22.81 22.34 13.05
N PRO A 192 21.60 21.84 13.23
CA PRO A 192 20.75 22.08 14.40
C PRO A 192 21.02 21.15 15.55
N GLY A 193 21.84 20.16 15.34
CA GLY A 193 22.07 19.11 16.34
C GLY A 193 22.50 19.60 17.72
N LYS A 194 23.42 20.57 17.73
CA LYS A 194 23.93 21.08 18.99
C LYS A 194 22.89 21.77 19.84
N ASN A 195 21.74 22.10 19.26
CA ASN A 195 20.65 22.73 19.96
C ASN A 195 19.53 21.78 20.36
N PHE A 196 19.62 20.51 19.97
CA PHE A 196 18.56 19.59 20.34
C PHE A 196 18.45 19.53 21.85
N LYS A 197 17.24 19.58 22.34
CA LYS A 197 17.03 19.43 23.77
C LYS A 197 17.19 17.96 24.20
N VAL A 198 16.79 17.03 23.33
CA VAL A 198 16.73 15.59 23.61
C VAL A 198 17.33 14.79 22.55
N ILE A 199 18.23 13.86 22.91
CA ILE A 199 18.86 12.96 22.00
C ILE A 199 18.86 11.60 22.68
N MET A 200 18.08 10.71 22.11
CA MET A 200 18.03 9.32 22.58
C MET A 200 18.05 8.26 21.53
N GLY A 201 18.77 7.19 21.83
CA GLY A 201 18.94 6.04 21.00
C GLY A 201 20.21 5.27 21.35
N GLY A 202 20.85 4.64 20.38
CA GLY A 202 22.08 3.92 20.57
C GLY A 202 23.24 4.71 19.98
N GLY A 203 24.32 3.98 19.81
CA GLY A 203 25.49 4.42 19.10
C GLY A 203 26.57 5.08 19.93
N ARG A 204 26.67 4.72 21.21
CA ARG A 204 27.70 5.35 22.04
C ARG A 204 29.05 5.30 21.37
N ARG A 205 29.32 4.16 20.73
CA ARG A 205 30.58 3.92 20.05
C ARG A 205 31.14 5.03 19.19
N GLY A 206 30.29 5.85 18.58
CA GLY A 206 30.72 6.89 17.66
C GLY A 206 31.17 8.17 18.39
N PHE A 207 31.04 8.16 19.70
CA PHE A 207 31.20 9.35 20.50
C PHE A 207 32.42 9.30 21.43
N PHE A 208 33.13 8.19 21.47
CA PHE A 208 34.35 8.18 22.29
C PHE A 208 35.41 7.39 21.57
N PRO A 209 36.69 7.64 21.88
CA PRO A 209 37.78 7.01 21.14
C PRO A 209 38.13 5.55 21.45
N GLU A 210 38.97 4.98 20.58
CA GLU A 210 39.48 3.60 20.74
C GLU A 210 40.17 3.45 22.08
N GLU A 211 40.73 4.53 22.61
CA GLU A 211 41.52 4.43 23.82
C GLU A 211 40.61 4.39 25.02
N ALA A 212 39.34 4.77 24.84
CA ALA A 212 38.42 4.81 25.95
C ALA A 212 37.47 3.63 25.92
N LEU A 213 36.83 3.33 27.03
CA LEU A 213 35.98 2.16 27.08
C LEU A 213 34.59 2.53 27.31
N ASP A 214 33.68 1.75 26.77
CA ASP A 214 32.26 2.01 26.84
C ASP A 214 31.71 1.92 28.27
N ILE A 215 30.78 2.81 28.64
CA ILE A 215 30.04 2.67 29.89
C ILE A 215 29.23 1.41 29.63
N GLU A 216 29.11 0.63 30.67
CA GLU A 216 28.30 -0.61 30.60
C GLU A 216 29.07 -1.79 30.13
N ASP A 217 29.63 -1.75 28.94
CA ASP A 217 30.29 -2.91 28.32
C ASP A 217 31.80 -2.95 28.32
N GLY A 218 32.39 -1.77 28.34
CA GLY A 218 33.82 -1.64 28.38
C GLY A 218 34.45 -1.95 27.06
N ILE A 219 33.66 -1.87 26.01
CA ILE A 219 34.15 -2.11 24.64
C ILE A 219 34.88 -0.81 24.20
N PRO A 220 36.07 -0.92 23.68
CA PRO A 220 36.72 0.28 23.15
C PRO A 220 35.83 1.01 22.15
N GLY A 221 35.87 2.33 22.17
CA GLY A 221 35.19 3.21 21.22
C GLY A 221 35.72 3.10 19.81
N GLU A 222 35.06 3.77 18.82
CA GLU A 222 35.51 3.70 17.40
C GLU A 222 36.25 4.96 16.97
N ARG A 223 36.20 6.03 17.72
CA ARG A 223 36.81 7.29 17.26
C ARG A 223 38.35 7.11 17.22
N GLU A 224 38.97 7.72 16.21
CA GLU A 224 40.42 7.64 16.01
C GLU A 224 41.06 9.05 16.12
N ASP A 225 40.25 10.03 16.46
CA ASP A 225 40.73 11.38 16.65
C ASP A 225 40.80 11.85 18.14
N GLY A 226 40.79 10.91 19.08
CA GLY A 226 40.77 11.20 20.49
C GLY A 226 39.58 12.04 21.02
N LYS A 227 38.52 12.32 20.26
CA LYS A 227 37.52 13.23 20.82
C LYS A 227 36.55 12.53 21.74
N HIS A 228 36.18 13.14 22.86
CA HIS A 228 35.20 12.55 23.78
C HIS A 228 34.02 13.46 23.62
N LEU A 229 33.16 13.12 22.67
CA LEU A 229 32.04 13.99 22.34
C LEU A 229 30.95 14.08 23.40
N ILE A 230 30.79 13.06 24.23
CA ILE A 230 29.74 13.17 25.25
C ILE A 230 30.15 14.21 26.30
N THR A 231 31.39 14.15 26.73
CA THR A 231 31.84 15.19 27.64
C THR A 231 31.87 16.57 26.98
N ASP A 232 32.19 16.63 25.70
CA ASP A 232 32.12 17.91 24.96
C ASP A 232 30.70 18.41 25.04
N TRP A 233 29.74 17.52 24.86
CA TRP A 233 28.30 17.91 24.84
C TRP A 233 27.90 18.41 26.23
N LEU A 234 28.22 17.63 27.25
CA LEU A 234 27.95 18.04 28.61
C LEU A 234 28.58 19.44 28.97
N ASP A 235 29.86 19.65 28.64
CA ASP A 235 30.55 20.94 28.90
C ASP A 235 29.87 22.09 28.21
N ASP A 236 29.40 21.86 26.99
CA ASP A 236 28.79 22.91 26.19
C ASP A 236 27.53 23.37 26.88
N LYS A 237 26.72 22.43 27.34
CA LYS A 237 25.50 22.80 28.01
C LYS A 237 25.78 23.51 29.34
N ALA A 238 26.76 22.99 30.06
CA ALA A 238 27.14 23.62 31.33
C ALA A 238 27.63 25.02 31.06
N SER A 239 28.48 25.19 30.08
CA SER A 239 28.98 26.54 29.86
C SER A 239 27.86 27.48 29.42
N GLN A 240 26.71 26.94 28.97
CA GLN A 240 25.59 27.79 28.63
C GLN A 240 24.74 28.12 29.86
N GLY A 241 25.13 27.62 31.03
CA GLY A 241 24.31 27.81 32.22
C GLY A 241 23.09 26.89 32.28
N ALA A 242 23.08 25.83 31.51
CA ALA A 242 21.92 24.92 31.54
C ALA A 242 22.20 23.65 32.30
N THR A 243 21.16 22.93 32.69
CA THR A 243 21.36 21.66 33.33
C THR A 243 21.20 20.55 32.31
N ALA A 244 22.16 19.66 32.25
CA ALA A 244 22.14 18.60 31.29
C ALA A 244 22.36 17.25 31.98
N SER A 245 21.76 16.24 31.40
CA SER A 245 21.94 14.88 31.87
C SER A 245 22.28 13.89 30.78
N TYR A 246 23.20 12.97 31.08
CA TYR A 246 23.61 11.89 30.18
C TYR A 246 23.24 10.59 30.85
N VAL A 247 22.38 9.78 30.24
CA VAL A 247 21.96 8.51 30.84
C VAL A 247 22.17 7.43 29.85
N TRP A 248 22.34 6.20 30.38
CA TRP A 248 22.61 5.07 29.55
C TRP A 248 21.85 3.80 29.94
N ASN A 249 20.93 3.91 30.87
CA ASN A 249 20.05 2.80 31.16
C ASN A 249 18.63 3.24 31.53
N ARG A 250 17.74 2.26 31.63
CA ARG A 250 16.36 2.55 31.86
C ARG A 250 16.07 3.20 33.19
N ASP A 251 16.60 2.65 34.29
CA ASP A 251 16.31 3.22 35.62
C ASP A 251 16.75 4.69 35.65
N ASP A 252 17.92 4.96 35.14
CA ASP A 252 18.40 6.33 35.17
C ASP A 252 17.56 7.25 34.32
N LEU A 253 17.01 6.75 33.21
CA LEU A 253 16.20 7.60 32.39
C LEU A 253 14.93 7.96 33.13
N LEU A 254 14.32 6.93 33.71
CA LEU A 254 13.04 7.11 34.38
C LEU A 254 13.21 7.97 35.59
N ALA A 255 14.43 8.08 36.10
CA ALA A 255 14.68 8.90 37.27
C ALA A 255 15.06 10.34 36.87
N VAL A 256 15.01 10.67 35.58
CA VAL A 256 15.38 12.03 35.21
C VAL A 256 14.41 13.05 35.77
N ASP A 257 14.99 14.11 36.31
CA ASP A 257 14.23 15.24 36.83
C ASP A 257 13.78 16.16 35.69
N ILE A 258 12.58 15.88 35.23
CA ILE A 258 12.04 16.58 34.07
C ILE A 258 11.94 18.11 34.19
N ARG A 259 11.47 18.60 35.32
CA ARG A 259 11.30 20.04 35.50
C ARG A 259 12.63 20.78 35.53
N ASN A 260 13.68 20.13 35.99
CA ASN A 260 14.97 20.79 36.14
C ASN A 260 16.01 20.41 35.07
N THR A 261 15.61 19.56 34.13
CA THR A 261 16.56 19.12 33.13
C THR A 261 16.30 19.84 31.83
N ASP A 262 17.30 20.55 31.33
CA ASP A 262 17.16 21.31 30.10
C ASP A 262 17.51 20.50 28.89
N TYR A 263 18.57 19.68 28.99
CA TYR A 263 19.10 18.90 27.91
C TYR A 263 19.20 17.45 28.39
N LEU A 264 18.82 16.51 27.53
CA LEU A 264 18.91 15.09 27.87
C LEU A 264 19.52 14.28 26.74
N MET A 265 20.62 13.59 27.00
CA MET A 265 21.26 12.69 26.08
C MET A 265 21.16 11.32 26.71
N GLY A 266 20.45 10.41 26.04
CA GLY A 266 20.30 9.05 26.53
C GLY A 266 20.78 8.09 25.46
N LEU A 267 21.94 7.48 25.70
CA LEU A 267 22.51 6.54 24.78
C LEU A 267 22.57 5.17 25.44
N PHE A 268 21.70 4.27 25.00
CA PHE A 268 21.45 3.03 25.69
C PHE A 268 22.18 1.80 25.19
N SER A 269 23.02 1.97 24.17
CA SER A 269 23.82 0.87 23.66
C SER A 269 25.02 1.42 22.97
N TYR A 270 26.07 0.63 23.01
CA TYR A 270 27.28 0.89 22.27
C TYR A 270 26.91 1.05 20.79
N THR A 271 25.95 0.22 20.36
CA THR A 271 25.49 0.24 18.97
C THR A 271 23.98 0.45 18.82
N HIS A 272 23.31 -0.21 17.88
CA HIS A 272 21.85 -0.06 17.78
C HIS A 272 21.25 -0.66 19.09
N LEU A 273 20.10 -0.25 19.55
CA LEU A 273 19.51 -0.88 20.73
C LEU A 273 19.14 -2.33 20.40
N ASP A 274 19.16 -3.18 21.41
CA ASP A 274 18.69 -4.55 21.21
C ASP A 274 17.25 -4.57 20.75
N THR A 275 16.91 -5.57 19.94
CA THR A 275 15.56 -5.72 19.39
C THR A 275 14.62 -6.05 20.50
N VAL A 276 13.35 -5.73 20.27
CA VAL A 276 12.30 -6.02 21.25
C VAL A 276 12.39 -7.45 21.86
N LEU A 277 12.55 -8.46 21.02
CA LEU A 277 12.48 -9.84 21.55
C LEU A 277 13.77 -10.34 22.21
N THR A 278 14.85 -9.55 22.10
CA THR A 278 16.09 -9.91 22.76
C THR A 278 16.52 -8.97 23.86
N ARG A 279 15.94 -7.79 23.98
CA ARG A 279 16.44 -6.82 24.92
C ARG A 279 16.19 -7.18 26.38
N ASP A 280 17.11 -6.71 27.21
CA ASP A 280 16.94 -6.81 28.65
C ASP A 280 16.06 -5.69 29.10
N ALA A 281 14.85 -6.08 29.51
CA ALA A 281 13.84 -5.13 29.89
C ALA A 281 14.23 -4.30 31.09
N GLU A 282 15.16 -4.77 31.89
CA GLU A 282 15.58 -4.00 33.05
C GLU A 282 16.54 -2.89 32.69
N MET A 283 17.40 -3.17 31.72
CA MET A 283 18.46 -2.22 31.33
C MET A 283 18.11 -1.24 30.18
N ASP A 284 17.20 -1.68 29.28
CA ASP A 284 16.74 -0.87 28.11
C ASP A 284 15.33 -0.34 28.15
N PRO A 285 15.21 0.96 27.96
CA PRO A 285 13.93 1.61 27.91
C PRO A 285 13.27 1.20 26.62
N THR A 286 11.96 1.15 26.58
CA THR A 286 11.30 0.76 25.34
C THR A 286 11.09 1.99 24.51
N LEU A 287 10.66 1.83 23.25
CA LEU A 287 10.39 3.01 22.40
C LEU A 287 9.33 3.90 23.05
N PRO A 288 8.25 3.34 23.55
CA PRO A 288 7.32 4.22 24.24
C PRO A 288 7.89 4.95 25.51
N GLU A 289 8.77 4.32 26.26
CA GLU A 289 9.34 4.94 27.45
C GLU A 289 10.22 6.11 27.02
N MET A 290 10.99 5.94 25.95
CA MET A 290 11.80 7.11 25.46
C MET A 290 10.92 8.22 24.96
N THR A 291 9.89 7.83 24.18
CA THR A 291 8.98 8.78 23.64
C THR A 291 8.39 9.61 24.76
N LYS A 292 7.93 8.95 25.80
CA LYS A 292 7.34 9.66 26.91
C LYS A 292 8.25 10.76 27.52
N VAL A 293 9.44 10.38 27.92
CA VAL A 293 10.39 11.32 28.54
C VAL A 293 10.73 12.47 27.62
N ALA A 294 10.89 12.12 26.34
CA ALA A 294 11.18 13.10 25.29
C ALA A 294 10.08 14.13 25.25
N ILE A 295 8.84 13.68 25.20
CA ILE A 295 7.71 14.59 25.10
C ILE A 295 7.70 15.43 26.41
N GLU A 296 7.90 14.75 27.51
CA GLU A 296 7.85 15.43 28.82
C GLU A 296 8.81 16.64 28.86
N MET A 297 10.02 16.44 28.33
CA MET A 297 11.03 17.50 28.23
C MET A 297 10.72 18.57 27.21
N LEU A 298 10.43 18.15 25.99
CA LEU A 298 10.15 19.08 24.91
C LEU A 298 8.88 19.89 25.14
N THR A 299 7.87 19.32 25.78
CA THR A 299 6.64 20.09 25.98
C THR A 299 6.76 21.22 27.01
N LYS A 300 7.85 21.30 27.77
CA LYS A 300 8.10 22.51 28.59
C LYS A 300 8.26 23.79 27.74
N ASP A 301 8.52 23.64 26.45
CA ASP A 301 8.69 24.81 25.61
C ASP A 301 7.29 25.28 25.15
N GLU A 302 6.75 26.33 25.78
CA GLU A 302 5.41 26.81 25.47
C GLU A 302 5.27 27.27 24.02
N ASN A 303 6.38 27.47 23.31
CA ASN A 303 6.25 27.85 21.93
C ASN A 303 6.11 26.63 21.00
N GLY A 304 6.38 25.43 21.51
CA GLY A 304 6.20 24.20 20.75
C GLY A 304 7.46 23.42 20.52
N PHE A 305 7.34 22.24 19.92
CA PHE A 305 8.49 21.43 19.64
C PHE A 305 8.30 20.46 18.46
N PHE A 306 9.40 19.99 17.88
CA PHE A 306 9.40 18.96 16.86
C PHE A 306 10.19 17.79 17.43
N LEU A 307 9.64 16.60 17.31
CA LEU A 307 10.32 15.41 17.76
C LEU A 307 10.21 14.36 16.71
N LEU A 308 11.32 13.72 16.40
CA LEU A 308 11.30 12.55 15.53
C LEU A 308 11.48 11.32 16.41
N VAL A 309 10.62 10.33 16.23
CA VAL A 309 10.73 9.01 16.79
C VAL A 309 10.78 7.97 15.70
N GLU A 310 11.83 7.18 15.72
CA GLU A 310 12.03 6.16 14.75
C GLU A 310 11.98 4.78 15.29
N GLY A 311 11.06 3.98 14.70
CA GLY A 311 11.01 2.53 14.88
C GLY A 311 12.02 1.95 13.89
N GLY A 312 13.29 1.95 14.27
CA GLY A 312 14.36 1.73 13.29
C GLY A 312 14.81 0.35 12.91
N ARG A 313 14.60 -0.64 13.76
CA ARG A 313 15.06 -1.96 13.52
C ARG A 313 14.06 -2.85 12.79
N ILE A 314 12.90 -2.28 12.51
CA ILE A 314 11.94 -2.91 11.57
C ILE A 314 12.71 -3.29 10.30
N ASP A 315 13.50 -2.33 9.77
CA ASP A 315 14.28 -2.49 8.57
C ASP A 315 15.36 -3.56 8.68
N HIS A 316 16.12 -3.50 9.78
CA HIS A 316 17.18 -4.46 10.01
C HIS A 316 16.64 -5.90 10.06
N MET A 317 15.51 -6.11 10.71
CA MET A 317 14.93 -7.46 10.81
C MET A 317 14.45 -7.97 9.41
N HIS A 318 13.83 -7.10 8.63
CA HIS A 318 13.42 -7.43 7.27
C HIS A 318 14.66 -7.76 6.40
N HIS A 319 15.76 -7.03 6.60
CA HIS A 319 16.98 -7.29 5.80
C HIS A 319 17.44 -8.71 5.96
N ALA A 320 17.28 -9.24 7.15
CA ALA A 320 17.66 -10.62 7.41
C ALA A 320 16.49 -11.58 7.17
N ASN A 321 15.38 -11.06 6.64
CA ASN A 321 14.14 -11.83 6.46
C ASN A 321 13.60 -12.42 7.79
N GLN A 322 13.92 -11.73 8.88
CA GLN A 322 13.54 -12.14 10.25
C GLN A 322 12.20 -11.52 10.63
N ILE A 323 11.15 -12.04 10.03
CA ILE A 323 9.88 -11.35 10.02
C ILE A 323 9.29 -11.27 11.41
N ARG A 324 9.45 -12.30 12.21
CA ARG A 324 8.89 -12.27 13.58
C ARG A 324 9.45 -11.06 14.35
N GLN A 325 10.73 -10.89 14.26
CA GLN A 325 11.35 -9.76 14.96
C GLN A 325 10.89 -8.45 14.38
N SER A 326 10.75 -8.37 13.06
CA SER A 326 10.32 -7.14 12.43
C SER A 326 8.95 -6.74 12.92
N LEU A 327 8.03 -7.67 13.06
CA LEU A 327 6.70 -7.32 13.53
C LEU A 327 6.71 -6.80 14.99
N ALA A 328 7.51 -7.41 15.83
CA ALA A 328 7.65 -6.96 17.25
C ALA A 328 8.21 -5.54 17.30
N GLU A 329 9.18 -5.26 16.44
CA GLU A 329 9.70 -3.86 16.36
C GLU A 329 8.63 -2.89 15.99
N THR A 330 7.81 -3.28 15.00
CA THR A 330 6.73 -2.45 14.55
C THR A 330 5.77 -2.13 15.68
N LEU A 331 5.33 -3.13 16.44
CA LEU A 331 4.40 -2.89 17.53
C LEU A 331 5.02 -2.05 18.64
N ASP A 332 6.34 -2.15 18.83
CA ASP A 332 6.95 -1.23 19.81
C ASP A 332 6.68 0.21 19.37
N MET A 333 6.70 0.46 18.05
CA MET A 333 6.46 1.81 17.54
C MET A 333 4.98 2.16 17.62
N GLU A 334 4.12 1.20 17.32
CA GLU A 334 2.66 1.40 17.42
C GLU A 334 2.27 1.87 18.89
N GLU A 335 2.87 1.23 19.86
CA GLU A 335 2.67 1.59 21.30
C GLU A 335 3.21 2.99 21.64
N ALA A 336 4.27 3.38 20.94
CA ALA A 336 4.80 4.75 21.12
C ALA A 336 3.90 5.83 20.58
N VAL A 337 3.27 5.60 19.42
CA VAL A 337 2.30 6.53 18.93
C VAL A 337 1.15 6.70 19.97
N SER A 338 0.73 5.59 20.55
CA SER A 338 -0.38 5.62 21.56
C SER A 338 0.15 6.40 22.78
N MET A 339 1.40 6.17 23.19
CA MET A 339 2.00 7.00 24.23
C MET A 339 1.90 8.51 23.88
N ALA A 340 2.31 8.90 22.67
CA ALA A 340 2.22 10.28 22.25
C ALA A 340 0.77 10.87 22.20
N LEU A 341 -0.15 10.09 21.69
CA LEU A 341 -1.54 10.52 21.66
C LEU A 341 -2.09 10.82 23.08
N SER A 342 -1.74 9.97 24.01
CA SER A 342 -2.25 10.10 25.36
C SER A 342 -1.67 11.27 26.16
N MET A 343 -0.66 11.96 25.60
CA MET A 343 0.08 12.95 26.35
C MET A 343 0.04 14.27 25.75
N THR A 344 -0.61 14.43 24.61
CA THR A 344 -0.58 15.70 23.94
C THR A 344 -1.96 16.02 23.49
N ASP A 345 -2.11 17.26 23.07
CA ASP A 345 -3.37 17.83 22.68
C ASP A 345 -3.48 17.97 21.16
N PRO A 346 -4.41 17.24 20.58
CA PRO A 346 -4.59 17.24 19.11
C PRO A 346 -5.03 18.55 18.47
N GLU A 347 -5.45 19.54 19.27
CA GLU A 347 -5.79 20.81 18.69
C GLU A 347 -4.50 21.55 18.45
N GLU A 348 -3.40 21.05 19.01
CA GLU A 348 -2.13 21.75 18.88
C GLU A 348 -0.94 20.89 18.43
N THR A 349 -1.13 19.58 18.42
CA THR A 349 -0.10 18.62 18.04
C THR A 349 -0.45 17.79 16.81
N ILE A 350 0.37 17.86 15.76
CA ILE A 350 0.31 16.93 14.67
C ILE A 350 1.09 15.66 14.98
N ILE A 351 0.46 14.50 14.90
CA ILE A 351 1.15 13.23 14.94
C ILE A 351 1.03 12.64 13.51
N LEU A 352 2.21 12.43 12.92
CA LEU A 352 2.34 11.90 11.56
C LEU A 352 3.12 10.60 11.64
N VAL A 353 2.63 9.54 11.04
CA VAL A 353 3.37 8.29 11.00
C VAL A 353 3.56 8.01 9.52
N THR A 354 4.75 7.57 9.19
CA THR A 354 5.14 7.14 7.83
C THR A 354 6.29 6.18 7.84
N ALA A 355 6.67 5.73 6.65
CA ALA A 355 7.82 4.88 6.45
C ALA A 355 8.79 5.59 5.47
N ASP A 356 10.09 5.27 5.50
CA ASP A 356 11.02 5.93 4.59
C ASP A 356 10.99 5.21 3.27
N HIS A 357 10.77 3.88 3.31
CA HIS A 357 10.63 3.06 2.13
C HIS A 357 10.07 1.75 2.63
N GLY A 358 9.69 0.87 1.72
CA GLY A 358 9.27 -0.47 2.10
C GLY A 358 10.29 -1.57 2.14
N HIS A 359 9.77 -2.79 2.33
CA HIS A 359 10.46 -4.05 2.26
C HIS A 359 9.58 -5.02 1.45
N THR A 360 10.18 -6.05 0.86
CA THR A 360 9.50 -6.92 -0.07
C THR A 360 8.61 -8.00 0.57
N LEU A 361 8.03 -7.67 1.74
CA LEU A 361 7.14 -8.57 2.46
C LEU A 361 5.80 -8.76 1.72
N THR A 362 5.32 -10.00 1.73
CA THR A 362 4.03 -10.36 1.10
C THR A 362 3.27 -11.30 2.03
N ILE A 363 1.98 -11.28 1.90
CA ILE A 363 1.04 -12.00 2.75
C ILE A 363 0.27 -12.96 1.86
N THR A 364 0.66 -14.22 1.86
CA THR A 364 0.09 -15.20 0.97
C THR A 364 -1.09 -15.93 1.53
N GLY A 365 -1.85 -16.58 0.65
CA GLY A 365 -3.04 -17.32 1.08
C GLY A 365 -2.77 -18.80 1.26
N TYR A 366 -3.71 -19.58 1.81
CA TYR A 366 -5.03 -19.15 2.23
C TYR A 366 -5.39 -19.71 3.60
N ALA A 367 -4.73 -19.20 4.66
CA ALA A 367 -5.02 -19.57 6.03
C ALA A 367 -6.33 -18.97 6.44
N ASP A 368 -7.01 -19.70 7.32
CA ASP A 368 -8.26 -19.29 7.92
C ASP A 368 -8.11 -18.03 8.78
N ARG A 369 -9.23 -17.35 8.96
CA ARG A 369 -9.29 -16.26 9.88
C ARG A 369 -8.76 -16.78 11.22
N ASN A 370 -8.15 -15.90 11.99
CA ASN A 370 -7.59 -16.19 13.33
C ASN A 370 -6.27 -16.99 13.31
N THR A 371 -5.75 -17.37 12.15
CA THR A 371 -4.50 -18.08 12.11
C THR A 371 -3.32 -17.09 12.43
N ASP A 372 -2.34 -17.59 13.20
CA ASP A 372 -1.16 -16.81 13.61
C ASP A 372 -0.45 -16.33 12.36
N ILE A 373 -0.26 -15.03 12.21
CA ILE A 373 0.31 -14.54 10.96
C ILE A 373 1.66 -15.10 10.59
N LEU A 374 2.33 -15.64 11.61
CA LEU A 374 3.63 -16.20 11.38
C LEU A 374 3.60 -17.71 11.13
N ASP A 375 2.40 -18.26 11.02
CA ASP A 375 2.23 -19.72 10.81
C ASP A 375 2.36 -20.12 9.37
N PHE A 376 2.21 -21.42 9.11
CA PHE A 376 2.17 -21.94 7.77
C PHE A 376 0.88 -21.52 7.14
N ALA A 377 0.86 -21.46 5.82
CA ALA A 377 -0.38 -21.14 5.14
C ALA A 377 -1.00 -22.39 4.52
N GLY A 378 -0.19 -23.31 4.07
CA GLY A 378 -0.70 -24.54 3.48
C GLY A 378 0.47 -25.31 2.91
N ILE A 379 0.16 -26.15 1.93
CA ILE A 379 1.17 -26.98 1.30
C ILE A 379 1.15 -26.76 -0.18
N SER A 380 2.33 -26.63 -0.80
CA SER A 380 2.46 -26.42 -2.25
C SER A 380 2.03 -27.58 -3.13
N ASP A 381 1.18 -27.25 -4.13
CA ASP A 381 0.67 -28.24 -5.11
C ASP A 381 1.71 -28.58 -6.21
N LEU A 382 2.90 -28.01 -6.09
CA LEU A 382 3.97 -28.30 -6.99
C LEU A 382 4.99 -29.24 -6.36
N ASP A 383 5.44 -28.95 -5.13
CA ASP A 383 6.48 -29.78 -4.56
C ASP A 383 6.04 -30.49 -3.35
N ASP A 384 4.76 -30.39 -3.03
CA ASP A 384 4.19 -31.04 -1.83
C ASP A 384 4.83 -30.61 -0.51
N ARG A 385 5.52 -29.47 -0.48
CA ARG A 385 6.17 -29.00 0.76
C ARG A 385 5.46 -27.77 1.29
N ARG A 386 5.33 -27.64 2.62
CA ARG A 386 4.75 -26.50 3.33
C ARG A 386 5.34 -25.14 2.87
N TYR A 387 4.54 -24.08 2.99
CA TYR A 387 5.06 -22.71 2.80
C TYR A 387 4.39 -21.81 3.81
N THR A 388 5.07 -20.75 4.22
CA THR A 388 4.48 -19.85 5.20
C THR A 388 3.56 -18.76 4.65
N ILE A 389 2.65 -18.26 5.48
CA ILE A 389 1.84 -17.12 5.11
C ILE A 389 2.75 -15.96 4.61
N LEU A 390 3.73 -15.62 5.45
CA LEU A 390 4.61 -14.49 5.16
C LEU A 390 5.85 -14.93 4.44
N ASP A 391 6.22 -14.12 3.47
CA ASP A 391 7.42 -14.32 2.74
C ASP A 391 7.89 -13.06 2.02
N TYR A 392 9.02 -13.15 1.38
CA TYR A 392 9.66 -11.98 0.80
C TYR A 392 10.05 -12.14 -0.64
N GLY A 393 10.09 -11.01 -1.34
CA GLY A 393 10.63 -10.97 -2.66
C GLY A 393 12.14 -11.04 -2.75
N SER A 394 12.83 -10.63 -1.68
CA SER A 394 14.30 -10.54 -1.66
C SER A 394 14.82 -10.88 -0.27
N GLY A 395 16.00 -11.52 -0.22
CA GLY A 395 16.71 -11.81 1.03
C GLY A 395 17.34 -13.18 1.19
N PRO A 396 17.94 -13.38 2.36
CA PRO A 396 18.71 -14.60 2.64
C PRO A 396 17.82 -15.76 2.96
N GLY A 397 16.50 -15.58 2.96
CA GLY A 397 15.57 -16.65 3.32
C GLY A 397 15.43 -17.77 2.29
N TYR A 398 15.96 -17.45 1.12
CA TYR A 398 15.87 -18.38 -0.02
C TYR A 398 16.84 -19.48 0.29
N HIS A 399 16.37 -20.73 0.14
CA HIS A 399 17.14 -21.90 0.54
C HIS A 399 16.80 -23.18 -0.27
N ILE A 400 17.78 -23.58 -1.09
CA ILE A 400 17.77 -24.86 -1.81
C ILE A 400 18.51 -25.89 -0.95
N THR A 401 17.83 -26.93 -0.47
CA THR A 401 18.47 -27.95 0.35
C THR A 401 19.58 -28.72 -0.35
N GLU A 402 20.34 -29.44 0.47
CA GLU A 402 21.48 -30.25 0.00
C GLU A 402 21.12 -31.15 -1.19
N ASP A 403 19.92 -31.73 -1.17
CA ASP A 403 19.47 -32.60 -2.25
C ASP A 403 18.71 -31.87 -3.36
N GLY A 404 18.80 -30.53 -3.37
CA GLY A 404 18.24 -29.72 -4.45
C GLY A 404 16.74 -29.54 -4.45
N LYS A 405 16.13 -29.57 -3.28
CA LYS A 405 14.72 -29.31 -3.13
C LYS A 405 14.58 -27.93 -2.49
N ARG A 406 13.34 -27.45 -2.35
CA ARG A 406 13.01 -26.22 -1.67
C ARG A 406 13.00 -26.49 -0.19
N TYR A 407 13.72 -25.70 0.60
CA TYR A 407 13.72 -25.92 2.02
C TYR A 407 12.30 -25.91 2.55
N GLU A 408 11.95 -26.88 3.37
CA GLU A 408 10.65 -26.90 3.99
C GLU A 408 10.75 -26.41 5.41
N PRO A 409 10.12 -25.29 5.72
CA PRO A 409 10.18 -24.74 7.06
C PRO A 409 9.51 -25.70 7.97
N THR A 410 10.04 -25.80 9.17
CA THR A 410 9.46 -26.62 10.20
C THR A 410 8.82 -25.77 11.27
N GLU A 411 8.05 -26.43 12.11
CA GLU A 411 7.40 -25.82 13.23
C GLU A 411 8.42 -25.17 14.19
N GLU A 412 9.62 -25.74 14.27
CA GLU A 412 10.68 -25.20 15.14
C GLU A 412 11.18 -23.91 14.50
N ASP A 413 11.29 -23.92 13.18
CA ASP A 413 11.72 -22.75 12.45
C ASP A 413 10.83 -21.56 12.76
N LEU A 414 9.54 -21.73 12.57
CA LEU A 414 8.62 -20.64 12.83
C LEU A 414 8.70 -19.94 14.18
N LYS A 415 9.08 -20.67 15.22
CA LYS A 415 9.17 -20.10 16.56
C LYS A 415 10.53 -19.49 16.80
N ASP A 416 11.51 -19.86 16.00
CA ASP A 416 12.88 -19.36 16.16
C ASP A 416 12.99 -17.88 15.73
N ILE A 417 13.25 -16.97 16.68
CA ILE A 417 13.36 -15.55 16.39
C ILE A 417 14.50 -15.24 15.40
N ASN A 418 15.37 -16.19 15.11
CA ASN A 418 16.38 -15.94 14.11
C ASN A 418 16.11 -16.61 12.80
N PHE A 419 14.94 -17.26 12.69
CA PHE A 419 14.60 -17.96 11.46
C PHE A 419 14.30 -17.00 10.29
N ARG A 420 14.91 -17.24 9.16
CA ARG A 420 14.74 -16.41 7.98
C ARG A 420 13.65 -16.99 7.03
N TYR A 421 12.50 -16.33 6.97
CA TYR A 421 11.41 -16.78 6.09
C TYR A 421 11.84 -16.69 4.65
N ALA A 422 11.22 -17.51 3.77
CA ALA A 422 11.70 -17.60 2.37
C ALA A 422 11.66 -16.33 1.53
N SER A 423 12.58 -16.25 0.60
CA SER A 423 12.54 -15.15 -0.32
C SER A 423 12.56 -15.73 -1.71
N ALA A 424 12.31 -14.87 -2.68
CA ALA A 424 12.27 -15.25 -4.09
C ALA A 424 13.59 -15.06 -4.78
N ALA A 425 14.39 -14.14 -4.27
CA ALA A 425 15.65 -13.79 -4.92
C ALA A 425 16.73 -13.67 -3.87
N PRO A 426 17.64 -14.62 -3.80
CA PRO A 426 18.64 -14.64 -2.76
C PRO A 426 19.60 -13.49 -2.85
N LYS A 427 19.83 -13.05 -1.63
CA LYS A 427 20.70 -11.94 -1.34
C LYS A 427 21.06 -12.01 0.13
N HIS A 428 22.28 -11.60 0.40
CA HIS A 428 22.78 -11.65 1.77
C HIS A 428 21.92 -10.70 2.73
N SER A 429 21.66 -9.46 2.28
CA SER A 429 20.75 -8.50 2.92
C SER A 429 19.61 -8.31 1.93
N VAL A 430 18.37 -8.47 2.37
CA VAL A 430 17.23 -8.21 1.45
C VAL A 430 17.32 -6.77 0.96
N THR A 431 16.84 -6.47 -0.24
CA THR A 431 16.80 -5.09 -0.70
C THR A 431 15.55 -4.48 -0.11
N HIS A 432 15.49 -3.15 -0.14
CA HIS A 432 14.31 -2.41 0.22
C HIS A 432 13.31 -2.67 -0.95
N ASP A 433 12.07 -2.22 -0.81
CA ASP A 433 11.03 -2.38 -1.80
C ASP A 433 10.64 -1.00 -2.23
N GLY A 434 10.42 -0.88 -3.55
CA GLY A 434 10.12 0.40 -4.19
C GLY A 434 8.67 0.83 -4.20
N THR A 435 7.77 0.00 -3.67
CA THR A 435 6.35 0.37 -3.61
C THR A 435 6.04 1.57 -2.74
N ASP A 436 5.06 2.39 -3.12
CA ASP A 436 4.60 3.48 -2.30
C ASP A 436 4.30 3.01 -0.85
N VAL A 437 4.54 3.88 0.12
CA VAL A 437 4.34 3.58 1.53
C VAL A 437 3.24 4.48 2.06
N GLY A 438 2.72 4.13 3.20
CA GLY A 438 1.69 4.95 3.83
C GLY A 438 2.17 6.13 4.67
N ILE A 439 1.22 7.05 4.78
CA ILE A 439 1.28 8.21 5.60
C ILE A 439 -0.03 8.22 6.35
N TRP A 440 0.01 8.49 7.65
CA TRP A 440 -1.16 8.60 8.49
C TRP A 440 -0.97 9.82 9.39
N VAL A 441 -1.98 10.69 9.49
CA VAL A 441 -1.84 11.95 10.19
C VAL A 441 -3.06 12.36 11.03
N ASN A 442 -2.77 13.00 12.16
CA ASN A 442 -3.76 13.46 13.10
C ASN A 442 -3.32 14.82 13.61
N GLY A 443 -4.28 15.71 13.83
CA GLY A 443 -4.02 17.01 14.37
C GLY A 443 -4.28 18.05 13.31
N PRO A 444 -3.80 19.23 13.63
CA PRO A 444 -3.91 20.42 12.81
C PRO A 444 -3.44 20.19 11.41
N PHE A 445 -4.34 20.46 10.44
CA PHE A 445 -3.97 20.35 9.08
C PHE A 445 -3.67 18.87 8.68
N ALA A 446 -4.26 17.91 9.36
CA ALA A 446 -4.11 16.49 8.99
C ALA A 446 -4.68 16.22 7.66
N HIS A 447 -5.67 17.03 7.29
CA HIS A 447 -6.26 17.01 5.96
C HIS A 447 -5.31 17.59 4.86
N LEU A 448 -4.05 17.96 5.11
CA LEU A 448 -3.15 18.26 4.01
C LEU A 448 -2.61 16.96 3.43
N PHE A 449 -3.05 15.85 4.02
CA PHE A 449 -2.60 14.50 3.60
C PHE A 449 -3.78 13.64 3.18
N THR A 450 -4.20 13.77 1.93
CA THR A 450 -5.36 13.00 1.45
C THR A 450 -5.04 12.08 0.30
N GLY A 451 -4.23 12.55 -0.66
CA GLY A 451 -3.93 11.74 -1.83
C GLY A 451 -2.64 11.00 -1.88
N VAL A 452 -1.93 11.18 -3.00
CA VAL A 452 -0.68 10.50 -3.31
C VAL A 452 0.36 11.60 -3.52
N TYR A 453 1.51 11.53 -2.83
CA TYR A 453 2.50 12.62 -2.82
C TYR A 453 3.86 12.08 -3.08
N GLU A 454 4.72 12.96 -3.52
CA GLU A 454 6.14 12.71 -3.56
C GLU A 454 6.57 12.65 -2.07
N GLU A 455 7.43 11.76 -1.71
CA GLU A 455 7.86 11.65 -0.28
C GLU A 455 8.35 13.01 0.26
N ASN A 456 8.98 13.86 -0.60
CA ASN A 456 9.50 15.13 -0.10
C ASN A 456 8.46 16.18 0.19
N TYR A 457 7.20 15.92 -0.14
CA TYR A 457 6.15 16.85 0.15
C TYR A 457 5.94 16.99 1.63
N ILE A 458 6.15 15.88 2.33
CA ILE A 458 5.79 15.81 3.76
C ILE A 458 6.20 17.00 4.63
N PRO A 459 7.47 17.29 4.72
CA PRO A 459 7.89 18.36 5.57
C PRO A 459 7.41 19.73 5.09
N HIS A 460 7.24 19.91 3.79
CA HIS A 460 6.79 21.20 3.30
C HIS A 460 5.40 21.37 3.80
N ALA A 461 4.61 20.30 3.78
CA ALA A 461 3.26 20.43 4.32
C ALA A 461 3.35 20.65 5.80
N LEU A 462 4.21 19.88 6.47
CA LEU A 462 4.30 20.08 7.94
C LEU A 462 4.72 21.52 8.28
N ALA A 463 5.58 22.12 7.48
CA ALA A 463 6.05 23.47 7.81
C ALA A 463 4.93 24.50 7.68
N TYR A 464 4.08 24.32 6.67
CA TYR A 464 2.93 25.17 6.45
C TYR A 464 2.08 25.19 7.65
N ALA A 465 1.82 24.02 8.21
CA ALA A 465 0.90 23.91 9.34
C ALA A 465 1.53 24.41 10.61
N ALA A 466 2.84 24.27 10.70
CA ALA A 466 3.51 24.68 11.93
C ALA A 466 3.98 26.14 11.86
N CYS A 467 3.93 26.71 10.68
CA CYS A 467 4.42 28.04 10.42
C CYS A 467 5.92 28.16 10.62
N VAL A 468 6.72 27.36 9.93
CA VAL A 468 8.16 27.45 10.06
C VAL A 468 8.73 27.40 8.69
N GLY A 469 10.01 27.71 8.56
CA GLY A 469 10.65 27.61 7.26
C GLY A 469 10.30 28.76 6.32
N THR A 470 10.78 28.67 5.08
CA THR A 470 10.66 29.79 4.10
C THR A 470 9.73 29.54 2.95
N GLY A 471 8.77 28.63 3.14
CA GLY A 471 7.85 28.30 2.08
C GLY A 471 6.55 28.92 2.49
N ARG A 472 5.48 28.58 1.77
CA ARG A 472 4.13 29.06 2.10
C ARG A 472 3.79 28.58 3.50
N THR A 473 3.09 29.43 4.27
CA THR A 473 2.78 29.18 5.67
C THR A 473 1.36 29.58 6.06
N PHE A 474 0.78 28.88 7.04
CA PHE A 474 -0.56 29.19 7.53
C PHE A 474 -0.64 30.58 8.09
N CYS A 475 0.43 31.00 8.77
CA CYS A 475 0.46 32.33 9.38
C CYS A 475 0.67 33.43 8.36
N ASP A 476 1.27 33.04 7.23
CA ASP A 476 1.61 33.95 6.19
C ASP A 476 0.33 34.74 5.88
N GLU B 1 18.40 20.07 -13.73
CA GLU B 1 18.17 18.68 -13.29
C GLU B 1 17.35 18.69 -11.99
N GLU B 2 17.03 17.51 -11.51
CA GLU B 2 16.31 17.30 -10.24
C GLU B 2 17.13 17.76 -8.99
N ASP B 3 17.46 19.05 -8.97
CA ASP B 3 18.26 19.58 -7.87
C ASP B 3 17.37 20.17 -6.79
N LYS B 4 17.97 20.87 -5.82
CA LYS B 4 17.23 21.38 -4.68
C LYS B 4 16.10 22.30 -5.04
N ALA B 5 16.39 23.28 -5.91
CA ALA B 5 15.33 24.18 -6.35
C ALA B 5 14.22 23.37 -7.04
N TYR B 6 14.55 22.41 -7.87
CA TYR B 6 13.57 21.60 -8.63
C TYR B 6 12.53 20.94 -7.71
N TRP B 7 13.01 20.31 -6.64
CA TRP B 7 12.19 19.50 -5.72
C TRP B 7 11.44 20.42 -4.82
N ASN B 8 12.04 21.55 -4.47
CA ASN B 8 11.26 22.50 -3.69
C ASN B 8 10.09 23.12 -4.43
N LYS B 9 10.25 23.39 -5.75
CA LYS B 9 9.14 23.98 -6.54
C LYS B 9 8.15 22.85 -6.65
N ASP B 10 8.61 21.64 -6.92
CA ASP B 10 7.67 20.47 -7.02
C ASP B 10 6.75 20.36 -5.81
N ALA B 11 7.33 20.44 -4.62
CA ALA B 11 6.54 20.33 -3.38
C ALA B 11 5.64 21.51 -3.11
N GLN B 12 6.12 22.73 -3.38
CA GLN B 12 5.28 23.92 -3.15
C GLN B 12 4.02 23.92 -4.08
N ASP B 13 4.19 23.49 -5.32
CA ASP B 13 3.03 23.34 -6.23
C ASP B 13 2.04 22.28 -5.71
N ALA B 14 2.55 21.12 -5.35
CA ALA B 14 1.68 20.09 -4.78
C ALA B 14 1.03 20.67 -3.54
N LEU B 15 1.74 21.49 -2.80
CA LEU B 15 1.11 22.09 -1.61
C LEU B 15 0.03 23.11 -2.01
N ASP B 16 0.33 23.89 -3.04
CA ASP B 16 -0.65 24.87 -3.57
C ASP B 16 -1.91 24.15 -4.06
N LYS B 17 -1.73 23.03 -4.75
CA LYS B 17 -2.85 22.22 -5.28
C LYS B 17 -3.71 21.71 -4.14
N GLN B 18 -3.07 21.37 -3.03
CA GLN B 18 -3.76 20.77 -1.92
C GLN B 18 -4.57 21.80 -1.22
N LEU B 19 -4.00 23.00 -1.04
CA LEU B 19 -4.68 24.12 -0.31
C LEU B 19 -5.85 24.64 -1.18
N GLY B 20 -5.84 24.29 -2.48
CA GLY B 20 -6.85 24.71 -3.43
C GLY B 20 -8.00 23.74 -3.59
N ILE B 21 -7.90 22.58 -2.93
CA ILE B 21 -9.01 21.62 -2.98
C ILE B 21 -10.29 22.25 -2.59
N LYS B 22 -11.31 22.06 -3.41
CA LYS B 22 -12.70 22.44 -3.05
C LYS B 22 -13.56 21.20 -2.81
N LEU B 23 -14.21 21.11 -1.66
CA LEU B 23 -15.03 19.96 -1.33
C LEU B 23 -16.30 19.99 -2.18
N ARG B 24 -16.78 18.80 -2.53
CA ARG B 24 -18.03 18.65 -3.28
C ARG B 24 -19.04 18.03 -2.36
N GLU B 25 -19.86 18.88 -1.76
CA GLU B 25 -20.88 18.42 -0.86
C GLU B 25 -22.22 18.48 -1.58
N LYS B 26 -22.30 17.83 -2.72
CA LYS B 26 -23.55 17.76 -3.48
C LYS B 26 -23.81 16.30 -3.88
N GLN B 27 -25.05 15.97 -4.17
CA GLN B 27 -25.44 14.60 -4.52
C GLN B 27 -24.70 14.07 -5.75
N ALA B 28 -24.43 12.78 -5.76
CA ALA B 28 -23.90 12.16 -6.96
C ALA B 28 -25.04 11.68 -7.82
N LYS B 29 -25.04 12.10 -9.05
CA LYS B 29 -26.03 11.67 -10.02
C LYS B 29 -25.50 10.36 -10.58
N ASN B 30 -24.19 10.31 -10.89
CA ASN B 30 -23.55 9.13 -11.46
C ASN B 30 -22.43 8.54 -10.63
N VAL B 31 -22.23 7.21 -10.73
CA VAL B 31 -21.15 6.52 -10.05
C VAL B 31 -20.50 5.56 -11.02
N ILE B 32 -19.21 5.75 -11.24
CA ILE B 32 -18.45 4.90 -12.07
C ILE B 32 -17.40 4.29 -11.19
N PHE B 33 -17.40 2.98 -11.13
CA PHE B 33 -16.60 2.23 -10.16
C PHE B 33 -15.66 1.37 -10.96
N PHE B 34 -14.37 1.69 -10.92
CA PHE B 34 -13.33 0.87 -11.54
C PHE B 34 -12.68 -0.12 -10.57
N LEU B 35 -12.58 -1.37 -11.00
CA LEU B 35 -12.09 -2.41 -10.14
C LEU B 35 -10.96 -3.09 -10.86
N GLY B 36 -9.75 -2.88 -10.37
CA GLY B 36 -8.59 -3.61 -10.84
C GLY B 36 -8.44 -4.89 -10.09
N ASP B 37 -8.82 -6.02 -10.70
CA ASP B 37 -8.78 -7.29 -9.99
C ASP B 37 -7.31 -7.72 -9.70
N GLY B 38 -6.95 -7.87 -8.44
CA GLY B 38 -5.61 -8.24 -8.03
C GLY B 38 -4.59 -7.10 -8.09
N MET B 39 -5.07 -5.90 -8.33
CA MET B 39 -4.26 -4.67 -8.52
C MET B 39 -3.74 -4.15 -7.20
N SER B 40 -2.72 -4.79 -6.71
CA SER B 40 -2.03 -4.39 -5.49
C SER B 40 -1.39 -3.01 -5.61
N LEU B 41 -1.10 -2.39 -4.47
CA LEU B 41 -0.38 -1.10 -4.51
C LEU B 41 0.98 -1.20 -5.22
N SER B 42 1.65 -2.34 -5.10
CA SER B 42 2.88 -2.53 -5.86
C SER B 42 2.63 -2.63 -7.38
N THR B 43 1.51 -3.23 -7.75
CA THR B 43 1.10 -3.21 -9.16
C THR B 43 0.88 -1.81 -9.67
N VAL B 44 0.27 -0.95 -8.88
CA VAL B 44 0.05 0.41 -9.31
C VAL B 44 1.43 1.14 -9.47
N THR B 45 2.31 1.01 -8.46
CA THR B 45 3.62 1.64 -8.61
C THR B 45 4.37 1.11 -9.84
N ALA B 46 4.38 -0.20 -10.03
CA ALA B 46 5.06 -0.79 -11.12
C ALA B 46 4.42 -0.36 -12.41
N ALA B 47 3.10 -0.20 -12.44
CA ALA B 47 2.46 0.19 -13.67
C ALA B 47 2.72 1.66 -13.94
N ARG B 48 2.89 2.44 -12.89
CA ARG B 48 3.25 3.83 -13.05
C ARG B 48 4.62 3.96 -13.73
N ILE B 49 5.58 3.17 -13.28
CA ILE B 49 6.94 3.18 -13.88
C ILE B 49 6.90 2.60 -15.33
N TYR B 50 6.11 1.56 -15.57
CA TYR B 50 5.87 0.97 -16.88
C TYR B 50 5.30 2.03 -17.85
N LYS B 51 4.29 2.76 -17.45
CA LYS B 51 3.72 3.81 -18.24
C LYS B 51 4.81 4.84 -18.56
N GLY B 52 5.59 5.20 -17.57
CA GLY B 52 6.64 6.19 -17.76
C GLY B 52 7.66 5.75 -18.78
N GLY B 53 7.87 4.44 -18.89
CA GLY B 53 8.81 3.88 -19.83
C GLY B 53 8.35 4.08 -21.26
N LEU B 54 7.02 4.19 -21.43
CA LEU B 54 6.40 4.42 -22.72
C LEU B 54 6.39 5.90 -23.01
N THR B 55 6.19 6.71 -22.00
CA THR B 55 6.09 8.13 -22.26
C THR B 55 7.44 8.90 -22.10
N GLY B 56 8.47 8.26 -21.61
CA GLY B 56 9.75 8.92 -21.47
C GLY B 56 9.87 9.64 -20.14
N LYS B 57 8.80 9.65 -19.32
CA LYS B 57 8.83 10.24 -17.98
C LYS B 57 9.32 9.29 -16.87
N PHE B 58 9.24 8.02 -17.09
CA PHE B 58 9.76 7.05 -16.18
C PHE B 58 9.16 7.19 -14.76
N GLU B 59 10.01 7.22 -13.72
CA GLU B 59 9.51 7.24 -12.31
C GLU B 59 8.69 8.50 -12.00
N ARG B 60 8.85 9.59 -12.78
CA ARG B 60 8.04 10.80 -12.59
C ARG B 60 6.58 10.79 -13.18
N GLU B 61 6.28 9.82 -13.98
CA GLU B 61 4.96 9.64 -14.56
C GLU B 61 3.88 9.53 -13.45
N LYS B 62 2.62 9.70 -13.82
CA LYS B 62 1.52 9.64 -12.89
C LYS B 62 0.43 8.78 -13.49
N ILE B 63 -0.21 7.96 -12.69
CA ILE B 63 -1.30 7.11 -13.15
C ILE B 63 -2.49 8.04 -13.12
N SER B 64 -3.43 7.91 -14.06
CA SER B 64 -4.48 8.90 -14.18
C SER B 64 -5.21 9.11 -12.90
N TRP B 65 -5.44 8.03 -12.17
CA TRP B 65 -6.34 8.16 -11.02
C TRP B 65 -5.49 8.73 -9.85
N GLU B 66 -4.19 8.82 -10.08
CA GLU B 66 -3.34 9.45 -9.08
C GLU B 66 -3.42 10.97 -9.11
N GLU B 67 -4.17 11.53 -10.02
CA GLU B 67 -4.39 12.96 -10.06
C GLU B 67 -5.52 13.33 -9.12
N PHE B 68 -6.26 12.33 -8.62
CA PHE B 68 -7.33 12.58 -7.66
C PHE B 68 -6.76 13.05 -6.32
N ASP B 69 -7.50 13.86 -5.58
CA ASP B 69 -7.04 14.35 -4.30
C ASP B 69 -7.29 13.43 -3.11
N PHE B 70 -8.09 12.38 -3.32
CA PHE B 70 -8.46 11.47 -2.27
C PHE B 70 -8.10 10.02 -2.56
N ALA B 71 -7.29 9.46 -1.66
CA ALA B 71 -6.86 8.08 -1.69
C ALA B 71 -7.12 7.51 -0.30
N ALA B 72 -7.30 6.21 -0.21
CA ALA B 72 -7.57 5.64 1.08
C ALA B 72 -7.08 4.21 1.00
N LEU B 73 -7.05 3.50 2.14
CA LEU B 73 -6.65 2.14 2.19
C LEU B 73 -7.84 1.29 2.56
N SER B 74 -7.83 0.08 2.05
CA SER B 74 -8.95 -0.87 2.19
C SER B 74 -8.48 -2.21 2.71
N LYS B 75 -9.11 -2.65 3.81
CA LYS B 75 -8.80 -3.90 4.49
C LYS B 75 -9.66 -5.03 3.94
N THR B 76 -9.03 -6.01 3.31
CA THR B 76 -9.74 -7.02 2.52
C THR B 76 -10.01 -8.41 3.09
N TYR B 77 -9.56 -8.68 4.32
CA TYR B 77 -9.88 -9.96 4.94
C TYR B 77 -11.39 -10.23 4.89
N ASN B 78 -11.80 -11.49 4.86
CA ASN B 78 -13.20 -11.74 4.77
C ASN B 78 -13.63 -12.51 6.01
N THR B 79 -14.83 -13.08 6.02
CA THR B 79 -15.29 -13.77 7.24
C THR B 79 -14.70 -15.10 7.52
N ASP B 80 -13.97 -15.72 6.60
CA ASP B 80 -13.33 -16.99 6.99
C ASP B 80 -11.89 -17.06 6.54
N LYS B 81 -11.40 -16.06 5.80
CA LYS B 81 -10.00 -16.23 5.27
C LYS B 81 -9.30 -14.86 5.38
N GLN B 82 -8.02 -14.86 5.69
CA GLN B 82 -7.19 -13.66 5.80
C GLN B 82 -7.03 -13.07 4.42
N VAL B 83 -6.77 -13.95 3.43
CA VAL B 83 -6.57 -13.55 2.03
C VAL B 83 -7.82 -13.90 1.20
N THR B 84 -8.56 -12.88 0.82
CA THR B 84 -9.85 -13.05 0.19
C THR B 84 -9.74 -13.43 -1.29
N ASP B 85 -10.72 -14.17 -1.74
CA ASP B 85 -10.89 -14.38 -3.18
C ASP B 85 -11.64 -13.23 -3.80
N SER B 86 -11.89 -13.34 -5.12
CA SER B 86 -12.62 -12.27 -5.83
C SER B 86 -14.14 -12.27 -5.49
N ALA B 87 -14.68 -13.43 -5.13
CA ALA B 87 -16.11 -13.50 -4.84
C ALA B 87 -16.49 -12.80 -3.55
N ALA B 88 -15.84 -13.10 -2.46
CA ALA B 88 -16.22 -12.51 -1.19
C ALA B 88 -15.88 -11.05 -1.19
N SER B 89 -14.81 -10.63 -1.89
CA SER B 89 -14.49 -9.21 -1.90
C SER B 89 -15.56 -8.44 -2.68
N ALA B 90 -16.01 -9.02 -3.77
CA ALA B 90 -16.98 -8.32 -4.56
C ALA B 90 -18.24 -8.12 -3.71
N THR B 91 -18.58 -9.15 -2.97
CA THR B 91 -19.76 -9.01 -2.10
C THR B 91 -19.57 -7.85 -1.15
N ALA B 92 -18.34 -7.69 -0.67
CA ALA B 92 -18.06 -6.61 0.27
C ALA B 92 -18.12 -5.22 -0.37
N TYR B 93 -17.36 -4.97 -1.44
CA TYR B 93 -17.37 -3.69 -2.05
C TYR B 93 -18.52 -3.37 -2.99
N LEU B 94 -19.35 -4.35 -3.32
CA LEU B 94 -20.52 -3.98 -4.11
C LEU B 94 -21.82 -4.12 -3.29
N THR B 95 -21.83 -4.93 -2.26
CA THR B 95 -23.08 -5.03 -1.47
C THR B 95 -22.94 -4.51 -0.03
N GLY B 96 -21.71 -4.37 0.43
CA GLY B 96 -21.51 -3.67 1.69
C GLY B 96 -21.40 -4.56 2.88
N VAL B 97 -21.32 -5.85 2.63
CA VAL B 97 -21.24 -6.89 3.64
C VAL B 97 -20.11 -7.83 3.32
N LYS B 98 -19.30 -8.21 4.30
CA LYS B 98 -18.23 -9.16 4.05
C LYS B 98 -18.81 -10.54 4.16
N THR B 99 -18.16 -11.52 3.55
CA THR B 99 -18.67 -12.84 3.50
C THR B 99 -17.63 -13.88 3.33
N ASN B 100 -18.07 -15.13 3.27
CA ASN B 100 -17.17 -16.25 3.15
C ASN B 100 -16.48 -16.47 1.76
N GLN B 101 -15.32 -17.13 1.80
CA GLN B 101 -14.59 -17.44 0.57
C GLN B 101 -15.53 -18.15 -0.42
N GLY B 102 -15.56 -17.64 -1.66
CA GLY B 102 -16.26 -18.31 -2.74
C GLY B 102 -17.73 -17.96 -2.85
N VAL B 103 -18.22 -17.07 -1.98
CA VAL B 103 -19.62 -16.76 -1.89
C VAL B 103 -19.92 -15.41 -2.51
N ILE B 104 -21.03 -15.29 -3.25
CA ILE B 104 -21.41 -14.02 -3.79
C ILE B 104 -22.80 -13.58 -3.41
N GLY B 105 -22.88 -12.39 -2.87
CA GLY B 105 -24.17 -11.77 -2.64
C GLY B 105 -25.02 -12.51 -1.55
N LEU B 106 -24.39 -13.31 -0.71
CA LEU B 106 -25.01 -13.89 0.47
C LEU B 106 -24.10 -13.60 1.66
N ASP B 107 -24.66 -13.58 2.88
CA ASP B 107 -23.82 -13.32 4.05
C ASP B 107 -23.12 -14.48 4.61
N ALA B 108 -22.39 -14.25 5.69
CA ALA B 108 -21.51 -15.27 6.17
C ALA B 108 -22.21 -16.53 6.76
N ASN B 109 -23.54 -16.55 6.81
CA ASN B 109 -24.19 -17.78 7.28
C ASN B 109 -23.94 -18.85 6.23
N THR B 110 -23.68 -18.39 5.00
CA THR B 110 -23.56 -19.30 3.86
C THR B 110 -22.49 -20.30 3.99
N VAL B 111 -22.83 -21.56 3.68
CA VAL B 111 -21.84 -22.55 3.56
C VAL B 111 -21.53 -22.69 2.09
N ARG B 112 -20.26 -22.53 1.71
CA ARG B 112 -19.88 -22.53 0.31
C ARG B 112 -20.29 -23.86 -0.36
N THR B 113 -20.86 -23.76 -1.55
CA THR B 113 -21.14 -24.93 -2.38
C THR B 113 -22.46 -25.66 -2.01
N ASN B 114 -23.12 -25.15 -0.99
CA ASN B 114 -24.44 -25.63 -0.57
C ASN B 114 -25.53 -24.74 -1.06
N CYS B 115 -26.09 -25.16 -2.18
CA CYS B 115 -27.09 -24.35 -2.88
C CYS B 115 -28.18 -23.97 -1.98
N SER B 116 -28.53 -24.77 -0.99
CA SER B 116 -29.67 -24.38 -0.16
C SER B 116 -29.58 -22.97 0.34
N TYR B 117 -28.38 -22.54 0.71
CA TYR B 117 -28.27 -21.20 1.24
C TYR B 117 -28.67 -20.09 0.26
N GLN B 118 -28.55 -20.32 -1.06
CA GLN B 118 -28.89 -19.25 -2.04
C GLN B 118 -30.45 -19.16 -2.29
N LEU B 119 -31.15 -20.07 -1.60
CA LEU B 119 -32.60 -20.11 -1.64
C LEU B 119 -33.19 -19.32 -0.46
N ASP B 120 -32.36 -18.89 0.49
CA ASP B 120 -32.87 -18.21 1.64
C ASP B 120 -32.70 -16.72 1.52
N GLU B 121 -33.77 -16.04 1.11
CA GLU B 121 -33.77 -14.60 0.88
C GLU B 121 -33.25 -13.78 2.06
N SER B 122 -33.39 -14.30 3.28
CA SER B 122 -32.95 -13.57 4.45
C SER B 122 -31.45 -13.43 4.46
N LEU B 123 -30.70 -14.28 3.79
CA LEU B 123 -29.23 -14.18 3.73
C LEU B 123 -28.72 -13.34 2.55
N PHE B 124 -29.62 -12.73 1.79
CA PHE B 124 -29.23 -11.96 0.60
C PHE B 124 -28.58 -10.62 0.97
N THR B 125 -27.54 -10.25 0.24
CA THR B 125 -27.02 -8.89 0.35
C THR B 125 -27.31 -8.25 -0.99
N TYR B 126 -27.59 -6.97 -1.00
CA TYR B 126 -28.02 -6.28 -2.19
C TYR B 126 -26.97 -5.26 -2.69
N SER B 127 -26.79 -5.25 -3.99
CA SER B 127 -25.74 -4.47 -4.59
C SER B 127 -26.07 -3.06 -4.80
N ILE B 128 -25.06 -2.23 -4.94
CA ILE B 128 -25.27 -0.87 -5.25
C ILE B 128 -26.04 -0.70 -6.60
N ALA B 129 -25.93 -1.65 -7.50
CA ALA B 129 -26.71 -1.60 -8.73
C ALA B 129 -28.22 -1.79 -8.41
N HIS B 130 -28.53 -2.70 -7.49
CA HIS B 130 -29.92 -2.85 -7.03
C HIS B 130 -30.46 -1.55 -6.50
N TRP B 131 -29.67 -0.86 -5.68
CA TRP B 131 -30.06 0.37 -5.08
C TRP B 131 -30.24 1.44 -6.15
N PHE B 132 -29.36 1.54 -7.13
CA PHE B 132 -29.61 2.51 -8.21
C PHE B 132 -30.97 2.19 -8.92
N GLN B 133 -31.24 0.91 -9.19
CA GLN B 133 -32.48 0.49 -9.86
C GLN B 133 -33.76 0.95 -9.04
N GLU B 134 -33.74 0.58 -7.76
CA GLU B 134 -34.80 0.91 -6.80
C GLU B 134 -35.04 2.42 -6.79
N ALA B 135 -34.01 3.21 -7.09
CA ALA B 135 -34.14 4.65 -7.17
C ALA B 135 -34.51 5.16 -8.57
N GLY B 136 -34.86 4.27 -9.49
CA GLY B 136 -35.24 4.72 -10.81
C GLY B 136 -34.09 5.18 -11.69
N ARG B 137 -32.87 4.66 -11.45
CA ARG B 137 -31.68 5.03 -12.24
C ARG B 137 -31.08 3.83 -12.94
N SER B 138 -30.32 4.05 -13.99
CA SER B 138 -29.80 2.99 -14.86
C SER B 138 -28.48 2.39 -14.32
N THR B 139 -28.18 1.17 -14.77
CA THR B 139 -27.02 0.43 -14.35
C THR B 139 -26.44 -0.37 -15.49
N GLY B 140 -25.13 -0.61 -15.36
CA GLY B 140 -24.38 -1.41 -16.32
C GLY B 140 -23.10 -1.94 -15.82
N VAL B 141 -22.52 -2.83 -16.61
CA VAL B 141 -21.29 -3.47 -16.24
C VAL B 141 -20.44 -3.74 -17.49
N VAL B 142 -19.14 -3.50 -17.36
CA VAL B 142 -18.13 -3.72 -18.38
C VAL B 142 -16.97 -4.43 -17.78
N THR B 143 -16.46 -5.46 -18.45
CA THR B 143 -15.32 -6.14 -17.89
C THR B 143 -14.56 -6.82 -18.99
N SER B 144 -13.30 -7.12 -18.72
CA SER B 144 -12.46 -7.92 -19.59
C SER B 144 -12.59 -9.37 -19.29
N THR B 145 -13.32 -9.73 -18.21
CA THR B 145 -13.53 -11.16 -17.91
C THR B 145 -14.85 -11.61 -18.43
N ARG B 146 -15.19 -12.90 -18.26
CA ARG B 146 -16.53 -13.34 -18.56
C ARG B 146 -17.50 -12.44 -17.75
N VAL B 147 -18.67 -12.15 -18.27
CA VAL B 147 -19.58 -11.30 -17.51
C VAL B 147 -20.24 -11.99 -16.33
N THR B 148 -20.04 -13.30 -16.24
CA THR B 148 -20.47 -14.13 -15.12
C THR B 148 -19.38 -14.40 -14.10
N HIS B 149 -18.23 -13.76 -14.31
CA HIS B 149 -17.16 -14.00 -13.34
C HIS B 149 -17.45 -13.28 -12.06
N ALA B 150 -16.70 -13.58 -11.00
CA ALA B 150 -17.07 -13.12 -9.65
C ALA B 150 -17.31 -11.63 -9.50
N THR B 151 -16.41 -10.84 -10.09
CA THR B 151 -16.52 -9.43 -9.97
C THR B 151 -17.78 -8.85 -10.57
N PRO B 152 -18.00 -8.98 -11.86
CA PRO B 152 -19.25 -8.47 -12.35
C PRO B 152 -20.47 -9.14 -11.61
N ALA B 153 -20.33 -10.39 -11.29
CA ALA B 153 -21.42 -11.13 -10.65
C ALA B 153 -21.84 -10.51 -9.32
N GLY B 154 -20.88 -9.88 -8.63
CA GLY B 154 -21.18 -9.18 -7.41
C GLY B 154 -22.20 -8.10 -7.56
N THR B 155 -22.36 -7.52 -8.77
CA THR B 155 -23.38 -6.50 -8.89
C THR B 155 -24.79 -7.10 -8.99
N TYR B 156 -24.95 -8.38 -9.24
CA TYR B 156 -26.29 -8.88 -9.46
C TYR B 156 -26.62 -10.27 -8.90
N ALA B 157 -25.63 -11.12 -8.69
CA ALA B 157 -25.92 -12.49 -8.39
C ALA B 157 -25.97 -12.87 -6.90
N HIS B 158 -26.64 -14.00 -6.60
CA HIS B 158 -26.69 -14.55 -5.23
C HIS B 158 -26.46 -16.04 -5.39
N VAL B 159 -25.23 -16.47 -5.19
CA VAL B 159 -24.91 -17.85 -5.31
C VAL B 159 -24.02 -18.30 -4.18
N ALA B 160 -24.11 -19.60 -3.90
CA ALA B 160 -23.33 -20.21 -2.84
C ALA B 160 -22.00 -20.64 -3.30
N ASP B 161 -21.76 -20.61 -4.63
CA ASP B 161 -20.41 -20.82 -5.11
C ASP B 161 -20.14 -20.04 -6.42
N ARG B 162 -19.13 -19.16 -6.40
CA ARG B 162 -18.83 -18.35 -7.58
C ARG B 162 -18.47 -19.20 -8.82
N ASP B 163 -18.12 -20.48 -8.65
CA ASP B 163 -17.88 -21.33 -9.80
C ASP B 163 -19.15 -21.57 -10.58
N TRP B 164 -20.31 -21.26 -10.03
CA TRP B 164 -21.58 -21.60 -10.70
C TRP B 164 -22.00 -20.60 -11.78
N GLU B 165 -21.14 -20.37 -12.74
CA GLU B 165 -21.36 -19.37 -13.79
C GLU B 165 -22.43 -19.87 -14.75
N ASN B 166 -22.47 -21.17 -15.03
CA ASN B 166 -23.53 -21.69 -15.89
C ASN B 166 -24.04 -22.98 -15.29
N ASP B 167 -25.07 -23.60 -15.85
CA ASP B 167 -25.71 -24.76 -15.20
C ASP B 167 -24.77 -25.96 -15.18
N SER B 168 -23.90 -26.08 -16.17
CA SER B 168 -22.97 -27.18 -16.16
C SER B 168 -22.07 -27.12 -14.91
N ASP B 169 -21.77 -25.92 -14.41
CA ASP B 169 -20.93 -25.79 -13.22
C ASP B 169 -21.69 -26.29 -12.00
N VAL B 170 -22.98 -25.99 -11.93
CA VAL B 170 -23.83 -26.44 -10.83
C VAL B 170 -23.94 -27.96 -10.76
N VAL B 171 -24.13 -28.57 -11.92
CA VAL B 171 -24.19 -30.03 -12.08
C VAL B 171 -22.88 -30.68 -11.64
N HIS B 172 -21.76 -30.08 -12.03
CA HIS B 172 -20.45 -30.57 -11.64
C HIS B 172 -20.33 -30.63 -10.11
N ASP B 173 -21.00 -29.74 -9.39
CA ASP B 173 -20.98 -29.80 -7.93
C ASP B 173 -22.13 -30.64 -7.28
N ARG B 174 -22.88 -31.40 -8.09
CA ARG B 174 -23.94 -32.29 -7.58
C ARG B 174 -25.07 -31.51 -6.96
N GLU B 175 -25.26 -30.29 -7.41
CA GLU B 175 -26.39 -29.55 -6.97
C GLU B 175 -27.48 -29.57 -8.05
N ASP B 176 -28.68 -29.16 -7.67
CA ASP B 176 -29.84 -29.29 -8.57
C ASP B 176 -30.09 -28.04 -9.41
N PRO B 177 -29.76 -28.10 -10.69
CA PRO B 177 -29.76 -26.93 -11.60
C PRO B 177 -31.13 -26.38 -11.77
N GLU B 178 -32.11 -27.19 -11.41
CA GLU B 178 -33.50 -26.83 -11.59
C GLU B 178 -33.90 -25.84 -10.59
N ILE B 179 -33.28 -25.93 -9.44
CA ILE B 179 -33.63 -25.00 -8.40
C ILE B 179 -32.46 -24.09 -7.98
N CYS B 180 -31.25 -24.48 -8.39
CA CYS B 180 -30.00 -23.71 -8.12
C CYS B 180 -29.69 -22.87 -9.34
N ASP B 181 -30.11 -21.64 -9.35
CA ASP B 181 -29.92 -20.78 -10.50
C ASP B 181 -28.45 -20.40 -10.67
N ASP B 182 -27.87 -20.66 -11.83
CA ASP B 182 -26.48 -20.26 -12.08
C ASP B 182 -26.38 -18.76 -12.38
N ILE B 183 -25.15 -18.24 -12.45
CA ILE B 183 -25.01 -16.80 -12.55
C ILE B 183 -25.55 -16.25 -13.87
N ALA B 184 -25.31 -16.94 -14.95
CA ALA B 184 -25.82 -16.48 -16.27
C ALA B 184 -27.33 -16.43 -16.25
N GLU B 185 -27.97 -17.45 -15.73
CA GLU B 185 -29.43 -17.36 -15.50
C GLU B 185 -29.88 -16.16 -14.74
N GLN B 186 -29.22 -15.90 -13.62
CA GLN B 186 -29.62 -14.78 -12.78
C GLN B 186 -29.47 -13.47 -13.50
N LEU B 187 -28.48 -13.34 -14.37
CA LEU B 187 -28.30 -12.04 -15.05
C LEU B 187 -29.44 -11.76 -15.99
N VAL B 188 -29.90 -12.81 -16.63
CA VAL B 188 -30.97 -12.61 -17.63
C VAL B 188 -32.38 -12.64 -17.06
N PHE B 189 -32.64 -13.53 -16.09
CA PHE B 189 -34.03 -13.71 -15.51
C PHE B 189 -34.39 -13.01 -14.18
N ARG B 190 -33.39 -12.55 -13.39
CA ARG B 190 -33.65 -11.94 -12.07
C ARG B 190 -33.12 -10.53 -11.94
N GLU B 191 -33.59 -9.82 -10.93
CA GLU B 191 -33.09 -8.46 -10.72
C GLU B 191 -31.84 -8.55 -9.83
N PRO B 192 -30.94 -7.61 -9.93
CA PRO B 192 -31.00 -6.47 -10.81
C PRO B 192 -30.51 -6.69 -12.24
N GLY B 193 -29.98 -7.84 -12.49
CA GLY B 193 -29.40 -8.11 -13.79
C GLY B 193 -30.28 -7.93 -15.01
N LYS B 194 -31.53 -8.37 -14.92
CA LYS B 194 -32.48 -8.24 -16.04
C LYS B 194 -32.75 -6.79 -16.44
N ASN B 195 -32.41 -5.85 -15.57
CA ASN B 195 -32.68 -4.44 -15.82
C ASN B 195 -31.43 -3.69 -16.25
N PHE B 196 -30.26 -4.32 -16.19
CA PHE B 196 -29.08 -3.59 -16.66
C PHE B 196 -29.33 -3.11 -18.09
N LYS B 197 -28.98 -1.86 -18.35
CA LYS B 197 -29.04 -1.30 -19.69
C LYS B 197 -27.86 -1.80 -20.53
N VAL B 198 -26.71 -2.02 -19.88
CA VAL B 198 -25.49 -2.41 -20.59
C VAL B 198 -24.84 -3.56 -19.93
N ILE B 199 -24.40 -4.54 -20.73
CA ILE B 199 -23.65 -5.67 -20.29
C ILE B 199 -22.60 -5.94 -21.35
N MET B 200 -21.36 -5.77 -20.93
CA MET B 200 -20.22 -6.05 -21.76
C MET B 200 -19.08 -6.79 -21.12
N GLY B 201 -18.55 -7.71 -21.86
CA GLY B 201 -17.39 -8.45 -21.48
C GLY B 201 -17.38 -9.72 -22.30
N GLY B 202 -16.89 -10.80 -21.70
CA GLY B 202 -16.83 -12.08 -22.36
C GLY B 202 -17.80 -13.09 -21.80
N GLY B 203 -17.56 -14.37 -22.12
CA GLY B 203 -18.26 -15.49 -21.52
C GLY B 203 -19.50 -15.98 -22.27
N ARG B 204 -19.59 -15.77 -23.58
CA ARG B 204 -20.73 -16.27 -24.37
C ARG B 204 -21.03 -17.71 -24.01
N ARG B 205 -20.00 -18.47 -23.77
CA ARG B 205 -20.19 -19.89 -23.47
C ARG B 205 -21.21 -20.26 -22.41
N GLY B 206 -21.43 -19.38 -21.42
CA GLY B 206 -22.35 -19.71 -20.35
C GLY B 206 -23.80 -19.46 -20.72
N PHE B 207 -24.02 -18.96 -21.95
CA PHE B 207 -25.32 -18.46 -22.32
C PHE B 207 -25.98 -19.30 -23.42
N PHE B 208 -25.30 -20.27 -23.96
CA PHE B 208 -25.97 -21.09 -24.97
C PHE B 208 -25.57 -22.51 -24.72
N PRO B 209 -26.34 -23.49 -25.19
CA PRO B 209 -26.08 -24.92 -24.91
C PRO B 209 -25.01 -25.67 -25.74
N GLU B 210 -24.69 -26.87 -25.26
CA GLU B 210 -23.73 -27.72 -25.94
C GLU B 210 -24.16 -28.01 -27.38
N GLU B 211 -25.48 -27.99 -27.62
CA GLU B 211 -25.98 -28.32 -28.94
C GLU B 211 -25.81 -27.20 -29.92
N ALA B 212 -25.55 -26.01 -29.39
CA ALA B 212 -25.43 -24.84 -30.24
C ALA B 212 -23.99 -24.44 -30.34
N LEU B 213 -23.65 -23.66 -31.36
CA LEU B 213 -22.28 -23.23 -31.63
C LEU B 213 -22.11 -21.74 -31.48
N ASP B 214 -20.92 -21.36 -31.00
CA ASP B 214 -20.61 -19.96 -30.75
C ASP B 214 -20.60 -19.12 -32.01
N ILE B 215 -21.08 -17.90 -31.92
CA ILE B 215 -20.90 -16.98 -33.01
C ILE B 215 -19.39 -16.81 -33.02
N GLU B 216 -18.87 -16.53 -34.17
CA GLU B 216 -17.41 -16.31 -34.29
C GLU B 216 -16.59 -17.58 -34.37
N ASP B 217 -16.64 -18.43 -33.37
CA ASP B 217 -15.73 -19.59 -33.26
C ASP B 217 -16.36 -20.94 -33.53
N GLY B 218 -17.67 -21.02 -33.47
CA GLY B 218 -18.32 -22.33 -33.62
C GLY B 218 -17.99 -23.36 -32.54
N ILE B 219 -17.62 -22.89 -31.34
CA ILE B 219 -17.28 -23.80 -30.22
C ILE B 219 -18.67 -24.15 -29.63
N PRO B 220 -18.96 -25.40 -29.43
CA PRO B 220 -20.18 -25.74 -28.69
C PRO B 220 -20.28 -25.02 -27.31
N GLY B 221 -21.46 -24.55 -26.96
CA GLY B 221 -21.68 -23.92 -25.64
C GLY B 221 -21.56 -24.85 -24.44
N GLU B 222 -21.60 -24.30 -23.21
CA GLU B 222 -21.45 -25.10 -22.00
C GLU B 222 -22.77 -25.53 -21.35
N ARG B 223 -23.86 -24.87 -21.70
CA ARG B 223 -25.12 -25.11 -21.02
C ARG B 223 -25.61 -26.53 -21.32
N GLU B 224 -26.18 -27.15 -20.31
CA GLU B 224 -26.70 -28.50 -20.45
C GLU B 224 -28.22 -28.53 -20.30
N ASP B 225 -28.85 -27.39 -20.15
CA ASP B 225 -30.29 -27.36 -19.95
C ASP B 225 -31.04 -26.86 -21.18
N GLY B 226 -30.38 -26.88 -22.32
CA GLY B 226 -30.93 -26.30 -23.57
C GLY B 226 -31.33 -24.82 -23.60
N LYS B 227 -31.02 -24.02 -22.59
CA LYS B 227 -31.51 -22.65 -22.69
C LYS B 227 -30.61 -21.80 -23.60
N HIS B 228 -31.22 -20.91 -24.35
CA HIS B 228 -30.54 -19.94 -25.21
C HIS B 228 -30.78 -18.63 -24.54
N LEU B 229 -29.88 -18.28 -23.62
CA LEU B 229 -30.13 -17.07 -22.84
C LEU B 229 -29.98 -15.80 -23.60
N ILE B 230 -29.19 -15.74 -24.66
CA ILE B 230 -29.11 -14.46 -25.33
C ILE B 230 -30.45 -14.18 -26.02
N THR B 231 -30.99 -15.19 -26.71
CA THR B 231 -32.26 -14.88 -27.35
C THR B 231 -33.36 -14.61 -26.30
N ASP B 232 -33.32 -15.29 -25.14
CA ASP B 232 -34.24 -14.95 -24.03
C ASP B 232 -34.10 -13.46 -23.64
N TRP B 233 -32.84 -12.98 -23.58
CA TRP B 233 -32.55 -11.57 -23.21
C TRP B 233 -33.11 -10.64 -24.28
N LEU B 234 -32.87 -10.93 -25.54
CA LEU B 234 -33.36 -10.09 -26.63
C LEU B 234 -34.93 -10.00 -26.65
N ASP B 235 -35.55 -11.19 -26.61
CA ASP B 235 -37.03 -11.34 -26.57
C ASP B 235 -37.62 -10.59 -25.38
N ASP B 236 -36.98 -10.63 -24.21
CA ASP B 236 -37.49 -9.88 -23.06
C ASP B 236 -37.51 -8.40 -23.36
N LYS B 237 -36.43 -7.88 -23.95
CA LYS B 237 -36.32 -6.49 -24.25
C LYS B 237 -37.41 -6.08 -25.26
N ALA B 238 -37.53 -6.80 -26.35
CA ALA B 238 -38.51 -6.56 -27.39
C ALA B 238 -39.89 -6.62 -26.84
N SER B 239 -40.23 -7.63 -26.05
CA SER B 239 -41.59 -7.67 -25.54
C SER B 239 -41.92 -6.54 -24.56
N GLN B 240 -40.91 -5.78 -24.10
CA GLN B 240 -41.11 -4.58 -23.26
C GLN B 240 -41.28 -3.32 -24.11
N GLY B 241 -41.16 -3.46 -25.43
CA GLY B 241 -41.25 -2.33 -26.35
C GLY B 241 -39.94 -1.57 -26.49
N ALA B 242 -38.83 -2.18 -26.07
CA ALA B 242 -37.56 -1.45 -26.11
C ALA B 242 -36.69 -2.00 -27.19
N THR B 243 -35.73 -1.20 -27.64
CA THR B 243 -34.82 -1.65 -28.67
C THR B 243 -33.64 -2.28 -27.97
N ALA B 244 -33.15 -3.36 -28.53
CA ALA B 244 -32.00 -3.99 -27.94
C ALA B 244 -31.03 -4.42 -29.00
N SER B 245 -29.76 -4.45 -28.62
CA SER B 245 -28.70 -4.93 -29.50
C SER B 245 -27.76 -5.88 -28.82
N TYR B 246 -27.41 -6.94 -29.54
CA TYR B 246 -26.44 -7.91 -29.13
C TYR B 246 -25.30 -7.80 -30.11
N VAL B 247 -24.07 -7.54 -29.66
CA VAL B 247 -22.88 -7.43 -30.54
C VAL B 247 -21.80 -8.26 -29.97
N TRP B 248 -20.88 -8.66 -30.83
CA TRP B 248 -19.84 -9.59 -30.44
C TRP B 248 -18.46 -9.24 -31.03
N ASN B 249 -18.36 -8.08 -31.65
CA ASN B 249 -17.11 -7.63 -32.18
C ASN B 249 -17.02 -6.13 -32.16
N ARG B 250 -15.79 -5.64 -32.29
CA ARG B 250 -15.51 -4.21 -32.20
C ARG B 250 -16.20 -3.28 -33.21
N ASP B 251 -16.12 -3.62 -34.49
CA ASP B 251 -16.82 -2.84 -35.55
C ASP B 251 -18.31 -2.68 -35.18
N ASP B 252 -18.94 -3.79 -34.83
CA ASP B 252 -20.35 -3.73 -34.51
C ASP B 252 -20.67 -2.93 -33.26
N LEU B 253 -19.81 -3.02 -32.23
CA LEU B 253 -20.04 -2.17 -31.08
C LEU B 253 -19.98 -0.68 -31.45
N LEU B 254 -18.94 -0.32 -32.21
CA LEU B 254 -18.68 1.09 -32.57
C LEU B 254 -19.76 1.64 -33.43
N ALA B 255 -20.42 0.71 -34.09
CA ALA B 255 -21.51 1.05 -35.03
C ALA B 255 -22.83 1.15 -34.29
N VAL B 256 -22.88 0.83 -33.01
CA VAL B 256 -24.17 0.89 -32.32
C VAL B 256 -24.79 2.26 -32.32
N ASP B 257 -26.06 2.32 -32.71
CA ASP B 257 -26.87 3.55 -32.63
C ASP B 257 -27.21 3.93 -31.20
N ILE B 258 -26.38 4.80 -30.63
CA ILE B 258 -26.54 5.16 -29.23
C ILE B 258 -27.91 5.77 -28.89
N ARG B 259 -28.36 6.76 -29.65
CA ARG B 259 -29.64 7.44 -29.34
C ARG B 259 -30.89 6.53 -29.39
N ASN B 260 -30.87 5.53 -30.25
CA ASN B 260 -32.01 4.64 -30.42
C ASN B 260 -31.88 3.26 -29.77
N THR B 261 -30.78 3.03 -29.04
CA THR B 261 -30.59 1.73 -28.41
C THR B 261 -30.83 1.79 -26.92
N ASP B 262 -31.86 1.09 -26.44
CA ASP B 262 -32.16 1.10 -24.99
C ASP B 262 -31.26 0.10 -24.18
N TYR B 263 -30.99 -1.07 -24.77
CA TYR B 263 -30.28 -2.13 -24.12
C TYR B 263 -29.16 -2.67 -25.00
N LEU B 264 -27.99 -2.81 -24.41
CA LEU B 264 -26.81 -3.32 -25.12
C LEU B 264 -26.11 -4.48 -24.38
N MET B 265 -26.00 -5.62 -25.05
CA MET B 265 -25.26 -6.77 -24.56
C MET B 265 -24.19 -6.99 -25.59
N GLY B 266 -22.93 -6.82 -25.16
CA GLY B 266 -21.74 -7.02 -25.95
C GLY B 266 -20.88 -8.11 -25.35
N LEU B 267 -20.87 -9.28 -25.96
CA LEU B 267 -20.10 -10.40 -25.50
C LEU B 267 -19.06 -10.74 -26.55
N PHE B 268 -17.78 -10.42 -26.26
CA PHE B 268 -16.76 -10.39 -27.28
C PHE B 268 -15.90 -11.60 -27.38
N SER B 269 -16.17 -12.56 -26.53
CA SER B 269 -15.46 -13.77 -26.50
C SER B 269 -16.31 -14.90 -25.94
N TYR B 270 -15.97 -16.10 -26.36
CA TYR B 270 -16.52 -17.32 -25.81
C TYR B 270 -16.22 -17.41 -24.33
N THR B 271 -15.02 -16.95 -23.97
CA THR B 271 -14.59 -16.98 -22.55
C THR B 271 -14.12 -15.59 -22.10
N HIS B 272 -13.08 -15.47 -21.29
CA HIS B 272 -12.60 -14.18 -20.90
C HIS B 272 -12.09 -13.50 -22.15
N LEU B 273 -12.09 -12.17 -22.23
CA LEU B 273 -11.49 -11.52 -23.42
C LEU B 273 -9.99 -11.72 -23.48
N ASP B 274 -9.41 -11.76 -24.68
CA ASP B 274 -7.96 -11.93 -24.83
C ASP B 274 -7.20 -10.79 -24.11
N THR B 275 -6.00 -11.07 -23.62
CA THR B 275 -5.20 -10.06 -22.91
C THR B 275 -4.75 -8.94 -23.86
N VAL B 276 -4.46 -7.78 -23.33
CA VAL B 276 -4.03 -6.68 -24.12
C VAL B 276 -2.93 -7.08 -25.13
N LEU B 277 -1.92 -7.81 -24.73
CA LEU B 277 -0.77 -8.12 -25.61
C LEU B 277 -1.02 -9.27 -26.60
N THR B 278 -2.17 -9.96 -26.47
CA THR B 278 -2.47 -11.02 -27.41
C THR B 278 -3.71 -10.78 -28.23
N ARG B 279 -4.55 -9.83 -27.85
CA ARG B 279 -5.82 -9.62 -28.59
C ARG B 279 -5.66 -9.10 -30.01
N ASP B 280 -6.65 -9.44 -30.82
CA ASP B 280 -6.74 -8.92 -32.18
C ASP B 280 -7.48 -7.60 -32.12
N ALA B 281 -6.75 -6.51 -32.32
CA ALA B 281 -7.29 -5.18 -32.18
C ALA B 281 -8.37 -4.88 -33.19
N GLU B 282 -8.44 -5.65 -34.27
CA GLU B 282 -9.54 -5.39 -35.19
C GLU B 282 -10.87 -5.96 -34.65
N MET B 283 -10.82 -7.08 -33.96
CA MET B 283 -12.00 -7.84 -33.54
C MET B 283 -12.50 -7.52 -32.12
N ASP B 284 -11.56 -7.18 -31.20
CA ASP B 284 -11.87 -6.90 -29.78
C ASP B 284 -11.76 -5.44 -29.43
N PRO B 285 -12.82 -4.90 -28.85
CA PRO B 285 -12.82 -3.53 -28.39
C PRO B 285 -11.96 -3.47 -27.10
N THR B 286 -11.28 -2.36 -26.82
CA THR B 286 -10.43 -2.25 -25.66
C THR B 286 -11.30 -1.83 -24.50
N LEU B 287 -10.74 -1.96 -23.29
CA LEU B 287 -11.46 -1.57 -22.08
C LEU B 287 -11.90 -0.10 -22.20
N PRO B 288 -11.05 0.83 -22.62
CA PRO B 288 -11.57 2.17 -22.86
C PRO B 288 -12.70 2.31 -23.91
N GLU B 289 -12.70 1.53 -24.99
CA GLU B 289 -13.76 1.60 -26.01
C GLU B 289 -15.07 1.16 -25.38
N MET B 290 -15.07 0.08 -24.61
CA MET B 290 -16.30 -0.39 -23.94
C MET B 290 -16.79 0.60 -22.98
N THR B 291 -15.87 1.20 -22.23
CA THR B 291 -16.26 2.15 -21.28
C THR B 291 -16.95 3.35 -21.91
N LYS B 292 -16.36 3.84 -22.98
CA LYS B 292 -16.99 4.93 -23.72
C LYS B 292 -18.46 4.62 -24.15
N VAL B 293 -18.69 3.52 -24.82
CA VAL B 293 -20.08 3.21 -25.26
C VAL B 293 -21.03 3.03 -24.10
N ALA B 294 -20.52 2.40 -23.05
CA ALA B 294 -21.32 2.20 -21.85
C ALA B 294 -21.76 3.52 -21.29
N ILE B 295 -20.84 4.49 -21.22
CA ILE B 295 -21.21 5.73 -20.65
C ILE B 295 -22.18 6.46 -21.62
N GLU B 296 -21.93 6.30 -22.91
CA GLU B 296 -22.76 6.93 -23.91
C GLU B 296 -24.22 6.46 -23.69
N MET B 297 -24.40 5.16 -23.54
CA MET B 297 -25.72 4.60 -23.28
C MET B 297 -26.34 5.04 -22.00
N LEU B 298 -25.62 4.83 -20.90
CA LEU B 298 -26.16 5.10 -19.57
C LEU B 298 -26.34 6.59 -19.29
N THR B 299 -25.58 7.45 -19.92
CA THR B 299 -25.84 8.85 -19.60
C THR B 299 -27.15 9.38 -20.24
N LYS B 300 -27.77 8.63 -21.14
CA LYS B 300 -29.10 9.07 -21.58
C LYS B 300 -30.11 9.15 -20.42
N ASP B 301 -29.84 8.48 -19.32
CA ASP B 301 -30.73 8.54 -18.19
C ASP B 301 -30.55 9.89 -17.44
N GLU B 302 -31.48 10.84 -17.60
CA GLU B 302 -31.31 12.14 -16.92
C GLU B 302 -31.33 12.05 -15.41
N ASN B 303 -31.75 10.92 -14.85
CA ASN B 303 -31.66 10.74 -13.40
C ASN B 303 -30.31 10.11 -12.85
N GLY B 304 -29.45 9.66 -13.76
CA GLY B 304 -28.14 9.12 -13.39
C GLY B 304 -27.92 7.65 -13.65
N PHE B 305 -26.72 7.16 -13.35
CA PHE B 305 -26.42 5.77 -13.56
C PHE B 305 -25.23 5.29 -12.74
N PHE B 306 -25.16 3.98 -12.57
CA PHE B 306 -24.04 3.29 -11.92
C PHE B 306 -23.45 2.38 -12.98
N LEU B 307 -22.13 2.41 -13.06
CA LEU B 307 -21.40 1.57 -13.96
C LEU B 307 -20.19 0.98 -13.26
N LEU B 308 -20.09 -0.34 -13.35
CA LEU B 308 -18.90 -1.04 -12.96
C LEU B 308 -18.05 -1.32 -14.19
N VAL B 309 -16.75 -0.97 -14.14
CA VAL B 309 -15.79 -1.36 -15.11
C VAL B 309 -14.67 -2.10 -14.42
N GLU B 310 -14.43 -3.31 -14.85
CA GLU B 310 -13.43 -4.11 -14.27
C GLU B 310 -12.25 -4.38 -15.23
N GLY B 311 -11.06 -4.09 -14.74
CA GLY B 311 -9.79 -4.50 -15.36
C GLY B 311 -9.49 -5.84 -14.74
N GLY B 312 -10.02 -6.86 -15.34
CA GLY B 312 -10.09 -8.12 -14.67
C GLY B 312 -9.02 -9.14 -14.85
N ARG B 313 -8.25 -9.02 -15.93
CA ARG B 313 -7.21 -10.01 -16.20
C ARG B 313 -5.85 -9.63 -15.62
N ILE B 314 -5.77 -8.46 -15.00
CA ILE B 314 -4.64 -8.11 -14.10
C ILE B 314 -4.39 -9.32 -13.20
N ASP B 315 -5.47 -9.83 -12.64
CA ASP B 315 -5.40 -10.95 -11.68
C ASP B 315 -4.92 -12.23 -12.35
N HIS B 316 -5.51 -12.56 -13.48
CA HIS B 316 -5.13 -13.78 -14.19
C HIS B 316 -3.66 -13.79 -14.56
N MET B 317 -3.13 -12.65 -14.96
CA MET B 317 -1.71 -12.61 -15.31
C MET B 317 -0.80 -12.77 -14.08
N HIS B 318 -1.17 -12.11 -12.99
CA HIS B 318 -0.43 -12.25 -11.74
C HIS B 318 -0.45 -13.69 -11.28
N HIS B 319 -1.58 -14.38 -11.41
CA HIS B 319 -1.71 -15.80 -11.04
C HIS B 319 -0.64 -16.68 -11.71
N ALA B 320 -0.29 -16.32 -12.93
CA ALA B 320 0.72 -17.10 -13.65
C ALA B 320 2.10 -16.49 -13.48
N ASN B 321 2.20 -15.46 -12.63
CA ASN B 321 3.40 -14.69 -12.43
C ASN B 321 3.82 -14.01 -13.77
N GLN B 322 2.85 -13.84 -14.71
CA GLN B 322 3.12 -13.17 -15.97
C GLN B 322 3.05 -11.65 -15.86
N ILE B 323 4.11 -11.04 -15.34
CA ILE B 323 4.01 -9.66 -14.83
C ILE B 323 3.91 -8.65 -15.94
N ARG B 324 4.60 -8.95 -17.02
CA ARG B 324 4.52 -8.06 -18.19
C ARG B 324 3.06 -7.92 -18.70
N GLN B 325 2.38 -9.04 -18.83
CA GLN B 325 0.96 -8.91 -19.26
C GLN B 325 0.10 -8.19 -18.22
N SER B 326 0.35 -8.42 -16.93
CA SER B 326 -0.44 -7.80 -15.86
C SER B 326 -0.32 -6.34 -15.97
N LEU B 327 0.90 -5.86 -16.25
CA LEU B 327 1.05 -4.42 -16.26
C LEU B 327 0.29 -3.88 -17.48
N ALA B 328 0.31 -4.56 -18.61
CA ALA B 328 -0.42 -4.01 -19.77
C ALA B 328 -1.96 -4.00 -19.48
N GLU B 329 -2.44 -5.01 -18.75
CA GLU B 329 -3.86 -5.02 -18.41
C GLU B 329 -4.22 -3.84 -17.57
N THR B 330 -3.29 -3.48 -16.64
CA THR B 330 -3.52 -2.40 -15.72
C THR B 330 -3.63 -1.10 -16.47
N LEU B 331 -2.68 -0.86 -17.37
CA LEU B 331 -2.71 0.39 -18.13
C LEU B 331 -3.97 0.46 -19.00
N ASP B 332 -4.46 -0.66 -19.50
CA ASP B 332 -5.72 -0.60 -20.27
C ASP B 332 -6.81 -0.01 -19.35
N MET B 333 -6.78 -0.37 -18.05
CA MET B 333 -7.82 0.15 -17.14
C MET B 333 -7.55 1.61 -16.82
N GLU B 334 -6.27 1.97 -16.74
CA GLU B 334 -5.84 3.36 -16.45
C GLU B 334 -6.35 4.30 -17.57
N GLU B 335 -6.24 3.81 -18.78
CA GLU B 335 -6.76 4.58 -19.94
C GLU B 335 -8.29 4.65 -19.93
N ALA B 336 -8.96 3.67 -19.35
CA ALA B 336 -10.42 3.76 -19.25
C ALA B 336 -10.92 4.78 -18.27
N VAL B 337 -10.14 4.96 -17.18
CA VAL B 337 -10.50 5.96 -16.23
C VAL B 337 -10.35 7.32 -16.92
N SER B 338 -9.28 7.47 -17.69
CA SER B 338 -9.06 8.76 -18.42
C SER B 338 -10.26 8.97 -19.41
N MET B 339 -10.66 7.90 -20.13
CA MET B 339 -11.83 7.98 -21.01
C MET B 339 -13.01 8.47 -20.21
N ALA B 340 -13.31 7.83 -19.07
CA ALA B 340 -14.48 8.24 -18.26
C ALA B 340 -14.39 9.68 -17.78
N LEU B 341 -13.20 10.07 -17.33
CA LEU B 341 -13.02 11.45 -16.87
C LEU B 341 -13.29 12.49 -18.00
N SER B 342 -12.86 12.13 -19.19
CA SER B 342 -12.99 13.03 -20.37
C SER B 342 -14.41 13.13 -20.92
N MET B 343 -15.35 12.41 -20.30
CA MET B 343 -16.71 12.32 -20.80
C MET B 343 -17.78 12.67 -19.79
N THR B 344 -17.43 12.88 -18.54
CA THR B 344 -18.46 13.14 -17.58
C THR B 344 -18.07 14.35 -16.75
N ASP B 345 -19.06 14.83 -16.01
CA ASP B 345 -18.99 16.05 -15.26
C ASP B 345 -18.74 15.73 -13.76
N PRO B 346 -17.55 16.10 -13.26
CA PRO B 346 -17.14 15.81 -11.87
C PRO B 346 -17.99 16.48 -10.81
N GLU B 347 -18.81 17.47 -11.14
CA GLU B 347 -19.66 18.04 -10.12
C GLU B 347 -20.76 17.08 -9.88
N GLU B 348 -20.95 16.13 -10.78
CA GLU B 348 -22.12 15.20 -10.67
C GLU B 348 -21.75 13.69 -10.70
N THR B 349 -20.50 13.40 -11.12
CA THR B 349 -20.03 12.02 -11.29
C THR B 349 -18.88 11.64 -10.34
N ILE B 350 -19.13 10.66 -9.49
CA ILE B 350 -18.05 10.03 -8.75
C ILE B 350 -17.34 9.04 -9.63
N ILE B 351 -16.02 9.13 -9.72
CA ILE B 351 -15.20 8.07 -10.25
C ILE B 351 -14.36 7.51 -9.10
N LEU B 352 -14.47 6.19 -8.83
CA LEU B 352 -13.77 5.53 -7.75
C LEU B 352 -12.98 4.44 -8.38
N VAL B 353 -11.72 4.32 -8.00
CA VAL B 353 -10.90 3.21 -8.46
C VAL B 353 -10.46 2.44 -7.22
N THR B 354 -10.51 1.13 -7.29
CA THR B 354 -10.01 0.29 -6.21
C THR B 354 -9.61 -1.04 -6.70
N ALA B 355 -9.08 -1.90 -5.83
CA ALA B 355 -8.80 -3.27 -6.15
C ALA B 355 -9.67 -4.14 -5.22
N ASP B 356 -9.92 -5.38 -5.61
CA ASP B 356 -10.65 -6.28 -4.67
C ASP B 356 -9.70 -6.87 -3.63
N HIS B 357 -8.49 -7.16 -4.07
CA HIS B 357 -7.52 -7.73 -3.21
C HIS B 357 -6.23 -7.54 -3.96
N GLY B 358 -5.10 -7.68 -3.33
CA GLY B 358 -3.81 -7.62 -4.05
C GLY B 358 -3.25 -8.92 -4.61
N HIS B 359 -1.98 -8.85 -5.03
CA HIS B 359 -1.16 -9.99 -5.47
C HIS B 359 0.22 -9.80 -4.84
N THR B 360 1.00 -10.87 -4.76
CA THR B 360 2.24 -10.85 -3.99
C THR B 360 3.42 -10.26 -4.75
N LEU B 361 3.16 -9.23 -5.54
CA LEU B 361 4.19 -8.58 -6.35
C LEU B 361 5.08 -7.67 -5.55
N THR B 362 6.40 -7.77 -5.72
CA THR B 362 7.34 -6.86 -5.03
C THR B 362 8.30 -6.18 -6.02
N ILE B 363 8.83 -5.04 -5.60
CA ILE B 363 9.69 -4.21 -6.42
C ILE B 363 11.06 -4.14 -5.74
N THR B 364 11.98 -5.00 -6.18
CA THR B 364 13.30 -5.08 -5.54
C THR B 364 14.29 -4.05 -6.06
N GLY B 365 15.35 -3.83 -5.30
CA GLY B 365 16.42 -2.92 -5.72
C GLY B 365 17.58 -3.67 -6.36
N TYR B 366 18.56 -2.97 -6.90
CA TYR B 366 18.65 -1.53 -6.88
C TYR B 366 19.00 -1.01 -8.27
N ALA B 367 18.06 -1.03 -9.20
CA ALA B 367 18.26 -0.47 -10.53
C ALA B 367 18.18 1.01 -10.51
N ASP B 368 18.96 1.64 -11.42
CA ASP B 368 18.94 3.07 -11.69
C ASP B 368 17.60 3.65 -12.12
N ARG B 369 17.43 4.95 -11.86
CA ARG B 369 16.32 5.68 -12.39
C ARG B 369 16.30 5.38 -13.91
N ASN B 370 15.10 5.25 -14.47
CA ASN B 370 14.88 5.04 -15.91
C ASN B 370 15.10 3.62 -16.37
N THR B 371 15.39 2.69 -15.48
CA THR B 371 15.56 1.30 -15.91
C THR B 371 14.12 0.76 -16.14
N ASP B 372 13.97 -0.06 -17.19
CA ASP B 372 12.69 -0.66 -17.58
C ASP B 372 12.23 -1.51 -16.40
N ILE B 373 11.02 -1.27 -15.89
CA ILE B 373 10.60 -1.97 -14.68
C ILE B 373 10.67 -3.45 -14.84
N LEU B 374 10.60 -3.95 -16.06
CA LEU B 374 10.61 -5.40 -16.27
C LEU B 374 12.01 -5.98 -16.50
N ASP B 375 13.02 -5.14 -16.33
CA ASP B 375 14.41 -5.54 -16.53
C ASP B 375 15.05 -6.19 -15.30
N PHE B 376 16.31 -6.61 -15.45
CA PHE B 376 17.03 -7.22 -14.38
C PHE B 376 17.31 -6.13 -13.35
N ALA B 377 17.55 -6.52 -12.10
CA ALA B 377 17.90 -5.47 -11.16
C ALA B 377 19.42 -5.52 -10.85
N GLY B 378 19.99 -6.70 -10.90
CA GLY B 378 21.41 -6.87 -10.66
C GLY B 378 21.70 -8.33 -10.50
N ILE B 379 22.77 -8.62 -9.80
CA ILE B 379 23.21 -9.99 -9.64
C ILE B 379 23.29 -10.33 -8.18
N SER B 380 22.84 -11.52 -7.80
CA SER B 380 22.87 -11.97 -6.43
C SER B 380 24.28 -12.24 -5.88
N ASP B 381 24.55 -11.71 -4.69
CA ASP B 381 25.83 -11.89 -4.05
C ASP B 381 25.86 -13.26 -3.33
N LEU B 382 24.81 -14.04 -3.44
CA LEU B 382 24.84 -15.37 -2.86
C LEU B 382 25.12 -16.47 -3.89
N ASP B 383 24.47 -16.39 -5.04
CA ASP B 383 24.64 -17.44 -6.03
C ASP B 383 25.18 -16.93 -7.34
N ASP B 384 25.57 -15.68 -7.39
CA ASP B 384 26.16 -15.08 -8.59
C ASP B 384 25.28 -15.16 -9.83
N ARG B 385 23.96 -15.30 -9.63
CA ARG B 385 22.98 -15.31 -10.75
C ARG B 385 22.08 -14.07 -10.78
N ARG B 386 21.75 -13.61 -11.98
CA ARG B 386 20.91 -12.44 -12.17
C ARG B 386 19.55 -12.58 -11.42
N TYR B 387 18.94 -11.47 -11.06
CA TYR B 387 17.55 -11.50 -10.56
C TYR B 387 16.82 -10.29 -11.08
N THR B 388 15.49 -10.36 -11.21
CA THR B 388 14.73 -9.24 -11.78
C THR B 388 14.24 -8.24 -10.76
N ILE B 389 14.02 -7.02 -11.20
CA ILE B 389 13.46 -6.00 -10.34
C ILE B 389 12.16 -6.50 -9.74
N LEU B 390 11.28 -7.04 -10.57
CA LEU B 390 9.97 -7.48 -10.10
C LEU B 390 9.97 -8.95 -9.79
N ASP B 391 9.30 -9.32 -8.73
CA ASP B 391 9.11 -10.70 -8.41
C ASP B 391 7.94 -10.89 -7.43
N TYR B 392 7.64 -12.12 -7.11
CA TYR B 392 6.48 -12.44 -6.31
C TYR B 392 6.77 -13.30 -5.11
N GLY B 393 5.91 -13.16 -4.11
CA GLY B 393 5.93 -14.04 -2.96
C GLY B 393 5.33 -15.41 -3.21
N SER B 394 4.45 -15.52 -4.23
CA SER B 394 3.78 -16.79 -4.52
C SER B 394 3.59 -17.00 -6.04
N GLY B 395 3.55 -18.26 -6.47
CA GLY B 395 3.29 -18.59 -7.87
C GLY B 395 4.21 -19.60 -8.56
N PRO B 396 3.91 -19.87 -9.82
CA PRO B 396 4.61 -20.89 -10.62
C PRO B 396 5.96 -20.43 -11.09
N GLY B 397 6.30 -19.16 -10.88
CA GLY B 397 7.62 -18.64 -11.23
C GLY B 397 8.86 -19.24 -10.55
N TYR B 398 8.68 -19.85 -9.38
CA TYR B 398 9.76 -20.50 -8.64
C TYR B 398 10.25 -21.64 -9.50
N HIS B 399 11.57 -21.71 -9.67
CA HIS B 399 12.17 -22.70 -10.55
C HIS B 399 13.58 -23.12 -10.14
N ILE B 400 13.72 -24.38 -9.72
CA ILE B 400 15.01 -24.98 -9.40
C ILE B 400 15.46 -25.76 -10.65
N THR B 401 16.55 -25.32 -11.27
CA THR B 401 17.06 -26.02 -12.46
C THR B 401 17.37 -27.49 -12.23
N GLU B 402 17.59 -28.20 -13.35
CA GLU B 402 17.93 -29.63 -13.34
C GLU B 402 19.12 -29.95 -12.44
N ASP B 403 20.13 -29.09 -12.44
CA ASP B 403 21.30 -29.33 -11.60
C ASP B 403 21.18 -28.76 -10.19
N GLY B 404 19.99 -28.30 -9.83
CA GLY B 404 19.74 -27.88 -8.45
C GLY B 404 20.21 -26.49 -8.10
N LYS B 405 20.18 -25.58 -9.07
CA LYS B 405 20.54 -24.19 -8.84
C LYS B 405 19.25 -23.35 -9.04
N ARG B 406 19.37 -22.05 -8.84
CA ARG B 406 18.20 -21.14 -8.93
C ARG B 406 18.13 -20.73 -10.37
N TYR B 407 16.97 -20.92 -11.01
CA TYR B 407 16.90 -20.58 -12.43
C TYR B 407 17.36 -19.17 -12.70
N GLU B 408 18.22 -18.96 -13.69
CA GLU B 408 18.64 -17.62 -14.04
C GLU B 408 17.91 -17.07 -15.27
N PRO B 409 17.08 -16.06 -15.03
CA PRO B 409 16.29 -15.49 -16.11
C PRO B 409 17.20 -14.93 -17.13
N THR B 410 16.83 -15.05 -18.40
CA THR B 410 17.63 -14.53 -19.48
C THR B 410 16.98 -13.34 -20.06
N GLU B 411 17.73 -12.68 -20.91
CA GLU B 411 17.19 -11.57 -21.64
C GLU B 411 16.02 -12.00 -22.52
N GLU B 412 16.02 -13.25 -22.97
CA GLU B 412 14.95 -13.69 -23.87
C GLU B 412 13.72 -13.84 -23.00
N ASP B 413 13.95 -14.40 -21.81
CA ASP B 413 12.88 -14.62 -20.88
C ASP B 413 12.09 -13.34 -20.66
N LEU B 414 12.80 -12.27 -20.32
CA LEU B 414 12.16 -11.01 -20.00
C LEU B 414 11.22 -10.45 -21.07
N LYS B 415 11.53 -10.74 -22.33
CA LYS B 415 10.68 -10.27 -23.45
C LYS B 415 9.49 -11.18 -23.80
N ASP B 416 9.56 -12.44 -23.38
CA ASP B 416 8.54 -13.46 -23.57
C ASP B 416 7.29 -13.13 -22.69
N ILE B 417 6.21 -12.76 -23.38
CA ILE B 417 4.95 -12.37 -22.69
C ILE B 417 4.37 -13.52 -21.88
N ASN B 418 4.91 -14.73 -22.00
CA ASN B 418 4.49 -15.86 -21.18
C ASN B 418 5.49 -16.27 -20.10
N PHE B 419 6.57 -15.49 -19.96
CA PHE B 419 7.61 -15.81 -18.97
C PHE B 419 7.10 -15.52 -17.56
N ARG B 420 7.31 -16.47 -16.66
CA ARG B 420 6.86 -16.40 -15.29
C ARG B 420 7.99 -15.89 -14.39
N TYR B 421 7.89 -14.65 -13.92
CA TYR B 421 8.90 -14.11 -13.03
C TYR B 421 8.94 -14.88 -11.73
N ALA B 422 10.10 -14.90 -11.09
CA ALA B 422 10.33 -15.74 -9.92
C ALA B 422 9.41 -15.50 -8.73
N SER B 423 9.09 -16.60 -8.06
CA SER B 423 8.35 -16.52 -6.84
C SER B 423 9.16 -17.19 -5.67
N ALA B 424 8.71 -16.96 -4.44
CA ALA B 424 9.35 -17.45 -3.25
C ALA B 424 8.73 -18.74 -2.79
N ALA B 425 7.49 -18.99 -3.21
CA ALA B 425 6.76 -20.16 -2.71
C ALA B 425 5.93 -20.78 -3.82
N PRO B 426 6.39 -21.91 -4.34
CA PRO B 426 5.81 -22.47 -5.55
C PRO B 426 4.39 -22.94 -5.38
N LYS B 427 3.64 -22.54 -6.38
CA LYS B 427 2.25 -22.87 -6.47
C LYS B 427 1.85 -22.74 -7.93
N HIS B 428 1.01 -23.68 -8.33
CA HIS B 428 0.53 -23.68 -9.71
C HIS B 428 -0.11 -22.32 -10.12
N SER B 429 -0.96 -21.82 -9.25
CA SER B 429 -1.58 -20.50 -9.40
C SER B 429 -1.17 -19.74 -8.14
N VAL B 430 -0.55 -18.58 -8.34
CA VAL B 430 -0.20 -17.69 -7.23
C VAL B 430 -1.41 -17.40 -6.37
N THR B 431 -1.19 -17.25 -5.06
CA THR B 431 -2.28 -16.84 -4.21
C THR B 431 -2.41 -15.36 -4.32
N HIS B 432 -3.58 -14.89 -3.94
CA HIS B 432 -3.76 -13.48 -3.77
C HIS B 432 -2.90 -13.02 -2.55
N ASP B 433 -2.85 -11.72 -2.34
CA ASP B 433 -2.08 -11.13 -1.26
C ASP B 433 -3.07 -10.43 -0.34
N GLY B 434 -2.82 -10.55 0.95
CA GLY B 434 -3.67 -10.03 2.01
C GLY B 434 -3.48 -8.59 2.39
N THR B 435 -2.45 -7.96 1.86
CA THR B 435 -2.18 -6.58 2.18
C THR B 435 -3.28 -5.66 1.82
N ASP B 436 -3.50 -4.61 2.61
CA ASP B 436 -4.45 -3.56 2.27
C ASP B 436 -4.23 -3.04 0.83
N VAL B 437 -5.30 -2.64 0.17
CA VAL B 437 -5.22 -2.13 -1.20
C VAL B 437 -5.64 -0.68 -1.21
N GLY B 438 -5.40 0.00 -2.31
CA GLY B 438 -5.87 1.37 -2.46
C GLY B 438 -7.27 1.65 -2.95
N ILE B 439 -7.73 2.84 -2.63
CA ILE B 439 -8.94 3.43 -3.12
C ILE B 439 -8.57 4.88 -3.53
N TRP B 440 -9.02 5.34 -4.69
CA TRP B 440 -8.78 6.67 -5.15
C TRP B 440 -10.09 7.18 -5.72
N VAL B 441 -10.47 8.39 -5.37
CA VAL B 441 -11.78 8.85 -5.71
C VAL B 441 -11.85 10.32 -6.12
N ASN B 442 -12.81 10.64 -6.96
CA ASN B 442 -12.96 12.00 -7.47
C ASN B 442 -14.42 12.24 -7.67
N GLY B 443 -14.86 13.48 -7.48
CA GLY B 443 -16.26 13.81 -7.68
C GLY B 443 -16.89 14.05 -6.34
N PRO B 444 -18.20 14.10 -6.38
CA PRO B 444 -18.99 14.38 -5.20
C PRO B 444 -18.67 13.51 -4.02
N PHE B 445 -18.43 14.12 -2.88
CA PHE B 445 -18.16 13.37 -1.67
C PHE B 445 -16.93 12.47 -1.75
N ALA B 446 -15.94 12.87 -2.56
CA ALA B 446 -14.72 12.10 -2.70
C ALA B 446 -14.05 12.10 -1.34
N HIS B 447 -14.30 13.18 -0.56
CA HIS B 447 -13.70 13.32 0.76
C HIS B 447 -14.31 12.39 1.79
N LEU B 448 -15.20 11.49 1.37
CA LEU B 448 -15.62 10.41 2.28
C LEU B 448 -14.57 9.28 2.31
N PHE B 449 -13.58 9.37 1.45
CA PHE B 449 -12.51 8.38 1.40
C PHE B 449 -11.18 9.03 1.79
N THR B 450 -10.84 9.07 3.08
CA THR B 450 -9.57 9.78 3.48
C THR B 450 -8.58 8.91 4.23
N GLY B 451 -9.10 7.98 5.00
CA GLY B 451 -8.29 7.14 5.85
C GLY B 451 -8.20 5.68 5.48
N VAL B 452 -8.42 4.85 6.46
CA VAL B 452 -8.33 3.41 6.35
C VAL B 452 -9.72 2.80 6.70
N TYR B 453 -10.23 1.89 5.85
CA TYR B 453 -11.64 1.42 5.91
C TYR B 453 -11.67 -0.06 5.66
N GLU B 454 -12.63 -0.72 6.27
CA GLU B 454 -12.94 -2.04 5.94
C GLU B 454 -13.38 -1.98 4.44
N GLU B 455 -13.13 -3.01 3.67
CA GLU B 455 -13.47 -2.95 2.22
C GLU B 455 -14.98 -2.80 1.97
N ASN B 456 -15.82 -3.28 2.88
CA ASN B 456 -17.26 -3.17 2.71
C ASN B 456 -17.84 -1.79 2.97
N TYR B 457 -17.04 -0.86 3.51
CA TYR B 457 -17.47 0.53 3.69
C TYR B 457 -17.82 1.17 2.38
N ILE B 458 -17.11 0.75 1.35
CA ILE B 458 -17.14 1.50 0.08
C ILE B 458 -18.57 1.88 -0.47
N PRO B 459 -19.39 0.88 -0.70
CA PRO B 459 -20.74 1.09 -1.26
C PRO B 459 -21.69 1.85 -0.30
N HIS B 460 -21.43 1.75 0.99
CA HIS B 460 -22.23 2.51 1.96
C HIS B 460 -21.88 3.96 1.76
N ALA B 461 -20.60 4.25 1.64
CA ALA B 461 -20.23 5.63 1.40
C ALA B 461 -20.77 6.06 0.05
N LEU B 462 -20.62 5.22 -0.97
CA LEU B 462 -21.11 5.61 -2.27
C LEU B 462 -22.65 5.83 -2.24
N ALA B 463 -23.36 4.98 -1.56
CA ALA B 463 -24.82 5.17 -1.51
C ALA B 463 -25.20 6.52 -0.88
N TYR B 464 -24.51 6.88 0.22
CA TYR B 464 -24.74 8.15 0.86
C TYR B 464 -24.62 9.31 -0.11
N ALA B 465 -23.61 9.28 -0.96
CA ALA B 465 -23.33 10.40 -1.82
C ALA B 465 -24.25 10.37 -2.95
N ALA B 466 -24.73 9.19 -3.31
CA ALA B 466 -25.64 9.08 -4.45
C ALA B 466 -27.11 9.20 -4.06
N CYS B 467 -27.41 9.14 -2.77
CA CYS B 467 -28.76 9.11 -2.24
C CYS B 467 -29.52 7.86 -2.68
N VAL B 468 -28.98 6.67 -2.43
CA VAL B 468 -29.67 5.45 -2.77
C VAL B 468 -29.57 4.50 -1.58
N GLY B 469 -30.32 3.42 -1.62
CA GLY B 469 -30.29 2.48 -0.52
C GLY B 469 -31.06 2.91 0.72
N THR B 470 -30.96 2.10 1.78
CA THR B 470 -31.69 2.31 3.06
C THR B 470 -30.85 2.76 4.27
N GLY B 471 -29.65 3.22 3.98
CA GLY B 471 -28.74 3.64 5.03
C GLY B 471 -28.80 5.14 5.05
N ARG B 472 -27.86 5.73 5.79
CA ARG B 472 -27.78 7.18 5.90
C ARG B 472 -27.49 7.79 4.52
N THR B 473 -28.18 8.87 4.18
CA THR B 473 -28.10 9.49 2.87
C THR B 473 -27.96 11.04 2.87
N PHE B 474 -27.27 11.58 1.87
CA PHE B 474 -27.09 13.04 1.77
C PHE B 474 -28.42 13.78 1.62
N CYS B 475 -29.36 13.18 0.91
CA CYS B 475 -30.68 13.75 0.74
C CYS B 475 -31.54 13.60 2.00
N ASP B 476 -31.21 12.63 2.86
CA ASP B 476 -31.98 12.33 4.05
C ASP B 476 -32.16 13.59 4.91
C1 NAG C . 35.76 14.50 -5.64
C2 NAG C . 36.42 14.03 -6.93
C3 NAG C . 37.61 14.93 -7.30
C4 NAG C . 37.00 16.32 -7.54
C5 NAG C . 36.20 16.72 -6.29
C6 NAG C . 35.53 18.09 -6.27
C7 NAG C . 36.64 11.64 -7.34
C8 NAG C . 37.29 10.41 -6.80
N2 NAG C . 36.87 12.72 -6.61
O3 NAG C . 38.42 14.34 -8.29
O4 NAG C . 38.02 17.25 -7.76
O5 NAG C . 35.22 15.71 -6.02
O6 NAG C . 35.12 18.64 -7.49
O7 NAG C . 35.98 11.57 -8.36
ZN ZN D . 17.66 -0.97 5.03
ZN ZN E . 15.18 2.98 5.83
MG MG F . 16.39 4.15 9.92
S SO4 G . 19.04 0.74 4.99
O1 SO4 G . 19.66 1.25 6.22
O2 SO4 G . 17.67 0.34 5.19
O3 SO4 G . 19.24 1.76 3.92
O4 SO4 G . 19.70 -0.47 4.49
S SO4 H . 27.58 -2.23 11.91
O1 SO4 H . 28.19 -0.93 11.69
O2 SO4 H . 26.26 -2.20 12.64
O3 SO4 H . 27.29 -2.68 10.54
O4 SO4 H . 28.58 -3.02 12.60
C1 NAG I . -27.04 -28.17 2.86
C2 NAG I . -26.71 -29.33 3.73
C3 NAG I . -28.01 -30.09 3.99
C4 NAG I . -28.95 -29.12 4.74
C5 NAG I . -29.18 -27.91 3.84
C6 NAG I . -30.14 -26.80 4.31
C7 NAG I . -24.61 -30.42 3.40
C8 NAG I . -23.68 -31.16 2.48
N2 NAG I . -25.80 -30.13 2.96
O3 NAG I . -27.68 -31.27 4.69
O4 NAG I . -30.17 -29.77 5.00
O5 NAG I . -27.92 -27.34 3.55
O6 NAG I . -30.22 -26.46 5.67
O7 NAG I . -24.22 -30.11 4.52
ZN ZN J . -7.47 -14.40 -8.45
ZN ZN K . -9.92 -10.72 -7.49
MG MG L . -12.43 -10.28 -11.35
S SO4 M . -9.53 -15.60 -8.44
O1 SO4 M . -8.34 -16.46 -8.59
O2 SO4 M . -9.26 -14.16 -8.47
O3 SO4 M . -10.58 -15.63 -9.52
O4 SO4 M . -10.16 -15.88 -7.15
S SO4 N . -12.14 -21.89 -17.40
O1 SO4 N . -11.01 -22.49 -16.69
O2 SO4 N . -11.97 -20.45 -17.38
O3 SO4 N . -12.16 -22.39 -18.78
O4 SO4 N . -13.35 -22.25 -16.69
#